data_8DZ8
#
_entry.id   8DZ8
#
_cell.length_a   122.477
_cell.length_b   122.477
_cell.length_c   310.376
_cell.angle_alpha   90.000
_cell.angle_beta   90.000
_cell.angle_gamma   120.000
#
_symmetry.space_group_name_H-M   'H 3 2'
#
_entity_poly.entity_id   1
_entity_poly.type   'polypeptide(L)'
_entity_poly.pdbx_seq_one_letter_code
;GPKKKIQIMAEEALKDALSILNIVKTNSPPAEEQLERFAKRFERNLWGIARLFESGDQKDEAEKAKRMIEWMKRIKTTAS
EDEQEEMANAIITILQSWFFS
;
_entity_poly.pdbx_strand_id   A,B,C,D,E,F,G,H
#
# COMPACT_ATOMS: atom_id res chain seq x y z
N LYS A 3 -10.56 -13.83 -14.71
CA LYS A 3 -9.90 -12.71 -15.40
C LYS A 3 -10.66 -12.31 -16.66
N LYS A 4 -11.65 -13.14 -17.04
CA LYS A 4 -12.29 -12.98 -18.34
C LYS A 4 -12.98 -11.62 -18.47
N LYS A 5 -13.70 -11.19 -17.44
CA LYS A 5 -14.37 -9.90 -17.47
C LYS A 5 -13.41 -8.72 -17.39
N ILE A 6 -12.80 -8.35 -18.52
CA ILE A 6 -11.96 -7.17 -18.64
C ILE A 6 -12.48 -6.40 -19.83
N GLN A 7 -13.78 -6.56 -20.08
CA GLN A 7 -14.35 -6.28 -21.39
C GLN A 7 -14.42 -4.78 -21.69
N ILE A 8 -14.79 -3.97 -20.69
CA ILE A 8 -14.87 -2.53 -20.92
C ILE A 8 -13.48 -1.95 -21.14
N MET A 9 -12.48 -2.47 -20.44
CA MET A 9 -11.11 -2.01 -20.65
C MET A 9 -10.61 -2.38 -22.05
N ALA A 10 -10.93 -3.59 -22.51
CA ALA A 10 -10.51 -4.00 -23.84
C ALA A 10 -11.27 -3.22 -24.93
N GLU A 11 -12.55 -2.93 -24.68
CA GLU A 11 -13.32 -2.13 -25.62
C GLU A 11 -12.73 -0.74 -25.79
N GLU A 12 -12.41 -0.08 -24.67
CA GLU A 12 -11.80 1.24 -24.73
C GLU A 12 -10.42 1.17 -25.38
N ALA A 13 -9.65 0.12 -25.08
CA ALA A 13 -8.35 -0.05 -25.72
C ALA A 13 -8.49 -0.25 -27.22
N LEU A 14 -9.52 -0.96 -27.65
CA LEU A 14 -9.75 -1.17 -29.08
C LEU A 14 -10.12 0.13 -29.78
N LYS A 15 -10.94 0.96 -29.13
CA LYS A 15 -11.28 2.26 -29.70
C LYS A 15 -10.04 3.15 -29.85
N ASP A 16 -9.19 3.17 -28.82
CA ASP A 16 -7.97 3.96 -28.90
C ASP A 16 -7.04 3.44 -30.00
N ALA A 17 -6.90 2.12 -30.10
CA ALA A 17 -6.05 1.55 -31.14
C ALA A 17 -6.57 1.89 -32.53
N LEU A 18 -7.88 1.78 -32.72
CA LEU A 18 -8.46 2.12 -34.02
C LEU A 18 -8.36 3.61 -34.32
N SER A 19 -8.40 4.46 -33.29
CA SER A 19 -8.19 5.89 -33.50
C SER A 19 -6.78 6.17 -34.00
N ILE A 20 -5.77 5.59 -33.31
CA ILE A 20 -4.39 5.75 -33.75
C ILE A 20 -4.22 5.25 -35.18
N LEU A 21 -4.76 4.06 -35.46
CA LEU A 21 -4.67 3.50 -36.81
C LEU A 21 -5.27 4.47 -37.83
N ASN A 22 -6.38 5.12 -37.47
CA ASN A 22 -6.99 6.10 -38.37
C ASN A 22 -6.10 7.33 -38.52
N ILE A 23 -5.45 7.77 -37.45
CA ILE A 23 -4.53 8.90 -37.54
C ILE A 23 -3.36 8.56 -38.46
N VAL A 24 -2.81 7.35 -38.32
CA VAL A 24 -1.62 6.98 -39.10
C VAL A 24 -1.94 6.98 -40.59
N LYS A 25 -3.09 6.45 -40.97
CA LYS A 25 -3.41 6.36 -42.39
C LYS A 25 -3.89 7.69 -42.96
N THR A 26 -4.84 8.34 -42.27
CA THR A 26 -5.43 9.57 -42.77
C THR A 26 -4.38 10.65 -42.99
N ASN A 27 -3.69 11.04 -41.92
CA ASN A 27 -2.64 12.05 -42.01
C ASN A 27 -1.38 11.45 -42.63
N SER A 28 -0.71 12.22 -43.49
CA SER A 28 0.56 11.75 -44.01
C SER A 28 1.63 12.02 -42.93
N PRO A 29 1.82 13.25 -42.47
CA PRO A 29 2.51 13.44 -41.19
C PRO A 29 1.49 13.50 -40.07
N PRO A 30 1.44 12.47 -39.23
CA PRO A 30 0.29 12.30 -38.33
C PRO A 30 0.19 13.40 -37.29
N ALA A 31 -1.03 13.55 -36.76
CA ALA A 31 -1.31 14.45 -35.65
C ALA A 31 -0.60 13.93 -34.40
N GLU A 32 0.66 14.36 -34.22
CA GLU A 32 1.53 13.71 -33.24
C GLU A 32 1.03 13.88 -31.80
N GLU A 33 0.37 14.98 -31.50
CA GLU A 33 -0.11 15.19 -30.14
C GLU A 33 -1.40 14.41 -29.87
N GLN A 34 -2.26 14.27 -30.88
CA GLN A 34 -3.44 13.44 -30.72
C GLN A 34 -3.07 11.97 -30.66
N LEU A 35 -2.03 11.57 -31.39
CA LEU A 35 -1.56 10.18 -31.31
C LEU A 35 -0.99 9.89 -29.93
N GLU A 36 -0.27 10.85 -29.36
CA GLU A 36 0.25 10.70 -28.00
C GLU A 36 -0.89 10.62 -27.00
N ARG A 37 -1.98 11.35 -27.24
CA ARG A 37 -3.11 11.33 -26.32
C ARG A 37 -3.76 9.94 -26.28
N PHE A 38 -3.94 9.31 -27.43
CA PHE A 38 -4.53 7.98 -27.48
C PHE A 38 -3.57 6.90 -26.99
N ALA A 39 -2.28 7.05 -27.30
CA ALA A 39 -1.30 6.07 -26.85
C ALA A 39 -1.21 6.04 -25.32
N LYS A 40 -1.29 7.22 -24.69
CA LYS A 40 -1.28 7.27 -23.23
C LYS A 40 -2.48 6.56 -22.63
N ARG A 41 -3.67 6.82 -23.18
CA ARG A 41 -4.87 6.14 -22.69
C ARG A 41 -4.81 4.64 -22.95
N PHE A 42 -4.36 4.24 -24.14
CA PHE A 42 -4.25 2.82 -24.47
C PHE A 42 -3.29 2.10 -23.52
N GLU A 43 -2.09 2.65 -23.35
CA GLU A 43 -1.10 2.03 -22.48
C GLU A 43 -1.64 1.88 -21.06
N ARG A 44 -2.36 2.89 -20.58
CA ARG A 44 -2.95 2.82 -19.25
C ARG A 44 -3.97 1.69 -19.16
N ASN A 45 -4.83 1.56 -20.18
CA ASN A 45 -5.85 0.51 -20.16
C ASN A 45 -5.23 -0.88 -20.16
N LEU A 46 -4.17 -1.07 -20.94
CA LEU A 46 -3.55 -2.39 -21.05
C LEU A 46 -2.70 -2.73 -19.84
N TRP A 47 -2.12 -1.74 -19.17
CA TRP A 47 -1.42 -2.04 -17.93
C TRP A 47 -2.40 -2.60 -16.89
N GLY A 48 -3.62 -2.07 -16.86
CA GLY A 48 -4.63 -2.63 -15.99
C GLY A 48 -5.06 -4.03 -16.42
N ILE A 49 -5.29 -4.20 -17.73
CA ILE A 49 -5.62 -5.53 -18.25
C ILE A 49 -4.52 -6.54 -17.89
N ALA A 50 -3.26 -6.14 -18.00
CA ALA A 50 -2.16 -7.02 -17.63
C ALA A 50 -2.22 -7.37 -16.15
N ARG A 51 -2.56 -6.39 -15.30
CA ARG A 51 -2.62 -6.66 -13.86
C ARG A 51 -3.77 -7.61 -13.51
N LEU A 52 -4.91 -7.47 -14.19
CA LEU A 52 -6.03 -8.37 -13.91
C LEU A 52 -5.74 -9.79 -14.37
N PHE A 53 -5.00 -9.93 -15.48
CA PHE A 53 -4.59 -11.27 -15.90
C PHE A 53 -3.58 -11.86 -14.92
N GLU A 54 -2.69 -11.02 -14.37
CA GLU A 54 -1.75 -11.50 -13.35
C GLU A 54 -2.50 -11.92 -12.10
N SER A 55 -3.51 -11.16 -11.69
CA SER A 55 -4.29 -11.54 -10.51
C SER A 55 -5.09 -12.81 -10.75
N GLY A 56 -5.54 -13.03 -11.98
CA GLY A 56 -6.24 -14.23 -12.35
C GLY A 56 -5.35 -15.41 -12.71
N ASP A 57 -4.04 -15.31 -12.47
CA ASP A 57 -3.09 -16.38 -12.74
C ASP A 57 -3.07 -16.81 -14.20
N GLN A 58 -3.37 -15.87 -15.11
CA GLN A 58 -3.31 -16.13 -16.55
C GLN A 58 -2.10 -15.37 -17.08
N LYS A 59 -0.91 -15.94 -16.83
CA LYS A 59 0.34 -15.28 -17.21
C LYS A 59 0.55 -15.24 -18.72
N ASP A 60 -0.04 -16.19 -19.45
CA ASP A 60 0.12 -16.20 -20.91
C ASP A 60 -0.51 -14.96 -21.53
N GLU A 61 -1.74 -14.65 -21.13
CA GLU A 61 -2.43 -13.45 -21.62
C GLU A 61 -1.90 -12.19 -20.95
N ALA A 62 -1.17 -12.32 -19.84
CA ALA A 62 -0.61 -11.14 -19.19
C ALA A 62 0.58 -10.57 -19.94
N GLU A 63 1.54 -11.42 -20.33
CA GLU A 63 2.65 -10.94 -21.13
C GLU A 63 2.19 -10.53 -22.52
N LYS A 64 1.13 -11.16 -23.02
CA LYS A 64 0.52 -10.71 -24.28
C LYS A 64 0.07 -9.26 -24.16
N ALA A 65 -0.59 -8.93 -23.04
CA ALA A 65 -0.97 -7.54 -22.78
C ALA A 65 0.24 -6.65 -22.59
N LYS A 66 1.30 -7.19 -21.96
CA LYS A 66 2.50 -6.39 -21.73
C LYS A 66 3.20 -6.04 -23.04
N ARG A 67 3.31 -7.00 -23.96
CA ARG A 67 4.01 -6.71 -25.21
C ARG A 67 3.25 -5.70 -26.06
N MET A 68 1.91 -5.75 -26.00
CA MET A 68 1.13 -4.77 -26.75
C MET A 68 1.33 -3.36 -26.24
N ILE A 69 1.84 -3.21 -25.01
CA ILE A 69 2.26 -1.90 -24.53
C ILE A 69 3.55 -1.49 -25.22
N GLU A 70 4.49 -2.43 -25.37
CA GLU A 70 5.71 -2.16 -26.11
C GLU A 70 5.43 -1.85 -27.58
N TRP A 71 4.41 -2.49 -28.16
CA TRP A 71 4.05 -2.20 -29.54
C TRP A 71 3.46 -0.80 -29.66
N MET A 72 2.62 -0.41 -28.70
CA MET A 72 2.08 0.95 -28.72
C MET A 72 3.18 1.97 -28.53
N LYS A 73 4.14 1.68 -27.65
CA LYS A 73 5.29 2.56 -27.49
C LYS A 73 6.11 2.62 -28.76
N ARG A 74 6.19 1.52 -29.51
CA ARG A 74 6.89 1.56 -30.79
C ARG A 74 6.15 2.46 -31.78
N ILE A 75 4.81 2.47 -31.72
CA ILE A 75 4.02 3.32 -32.61
C ILE A 75 4.36 4.78 -32.38
N LYS A 76 4.54 5.17 -31.10
CA LYS A 76 5.00 6.51 -30.79
C LYS A 76 6.37 6.78 -31.43
N THR A 77 7.27 5.81 -31.37
CA THR A 77 8.64 6.03 -31.84
C THR A 77 8.76 5.97 -33.36
N THR A 78 8.28 4.90 -33.98
CA THR A 78 8.67 4.58 -35.36
C THR A 78 8.22 5.67 -36.34
N ALA A 79 9.06 5.88 -37.35
CA ALA A 79 8.78 6.85 -38.41
C ALA A 79 8.08 6.22 -39.60
N SER A 80 8.09 4.89 -39.70
CA SER A 80 7.47 4.20 -40.82
C SER A 80 5.97 4.07 -40.56
N GLU A 81 5.16 4.59 -41.49
CA GLU A 81 3.71 4.47 -41.37
C GLU A 81 3.28 3.01 -41.44
N ASP A 82 3.94 2.22 -42.29
CA ASP A 82 3.60 0.80 -42.41
C ASP A 82 3.95 0.05 -41.14
N GLU A 83 5.03 0.43 -40.48
CA GLU A 83 5.36 -0.17 -39.19
C GLU A 83 4.32 0.21 -38.14
N GLN A 84 3.82 1.44 -38.19
CA GLN A 84 2.75 1.85 -37.31
C GLN A 84 1.48 1.05 -37.58
N GLU A 85 1.13 0.90 -38.86
CA GLU A 85 -0.02 0.10 -39.25
C GLU A 85 0.12 -1.34 -38.76
N GLU A 86 1.29 -1.94 -38.97
CA GLU A 86 1.53 -3.32 -38.54
C GLU A 86 1.23 -3.51 -37.06
N MET A 87 1.77 -2.62 -36.21
CA MET A 87 1.57 -2.77 -34.77
C MET A 87 0.12 -2.52 -34.39
N ALA A 88 -0.54 -1.57 -35.06
CA ALA A 88 -1.93 -1.29 -34.75
C ALA A 88 -2.83 -2.46 -35.12
N ASN A 89 -2.62 -3.07 -36.29
CA ASN A 89 -3.42 -4.22 -36.68
C ASN A 89 -3.15 -5.41 -35.77
N ALA A 90 -1.90 -5.61 -35.37
CA ALA A 90 -1.58 -6.70 -34.44
C ALA A 90 -2.25 -6.48 -33.10
N ILE A 91 -2.15 -5.26 -32.57
CA ILE A 91 -2.80 -4.92 -31.30
C ILE A 91 -4.31 -5.16 -31.38
N ILE A 92 -4.92 -4.74 -32.49
CA ILE A 92 -6.37 -4.85 -32.65
C ILE A 92 -6.80 -6.32 -32.65
N THR A 93 -6.12 -7.14 -33.45
CA THR A 93 -6.51 -8.54 -33.56
C THR A 93 -6.36 -9.29 -32.24
N ILE A 94 -5.37 -8.93 -31.42
CA ILE A 94 -5.19 -9.60 -30.13
C ILE A 94 -6.27 -9.17 -29.14
N LEU A 95 -6.52 -7.86 -29.05
CA LEU A 95 -7.59 -7.38 -28.16
C LEU A 95 -8.92 -8.05 -28.52
N GLN A 96 -9.14 -8.31 -29.79
CA GLN A 96 -10.40 -8.92 -30.20
C GLN A 96 -10.52 -10.36 -29.73
N SER A 97 -9.40 -11.09 -29.67
CA SER A 97 -9.39 -12.42 -29.08
C SER A 97 -10.00 -12.46 -27.67
N TRP A 98 -9.98 -11.34 -26.96
CA TRP A 98 -10.53 -11.22 -25.62
C TRP A 98 -11.98 -10.78 -25.62
N PHE A 99 -12.64 -10.81 -26.78
CA PHE A 99 -14.01 -10.37 -26.98
C PHE A 99 -14.10 -8.86 -26.80
N PRO B 2 -36.78 -3.55 -26.67
CA PRO B 2 -36.19 -2.21 -26.55
C PRO B 2 -35.37 -2.01 -25.28
N LYS B 3 -35.55 -2.89 -24.29
CA LYS B 3 -34.77 -2.76 -23.07
C LYS B 3 -33.33 -3.23 -23.24
N LYS B 4 -33.03 -3.95 -24.31
CA LYS B 4 -31.63 -4.19 -24.66
C LYS B 4 -30.96 -2.90 -25.14
N LYS B 5 -31.68 -2.10 -25.93
CA LYS B 5 -31.08 -0.88 -26.49
C LYS B 5 -30.84 0.17 -25.43
N ILE B 6 -31.64 0.18 -24.36
CA ILE B 6 -31.67 1.30 -23.43
C ILE B 6 -30.48 1.28 -22.47
N GLN B 7 -29.96 0.09 -22.12
CA GLN B 7 -29.28 -0.09 -20.84
C GLN B 7 -27.99 0.70 -20.74
N ILE B 8 -27.24 0.85 -21.83
CA ILE B 8 -26.04 1.68 -21.77
C ILE B 8 -26.42 3.14 -21.57
N MET B 9 -27.49 3.59 -22.23
CA MET B 9 -27.96 4.96 -22.03
C MET B 9 -28.52 5.14 -20.63
N ALA B 10 -29.23 4.14 -20.11
CA ALA B 10 -29.79 4.25 -18.77
C ALA B 10 -28.70 4.28 -17.70
N GLU B 11 -27.60 3.54 -17.91
CA GLU B 11 -26.48 3.59 -16.98
C GLU B 11 -25.89 5.00 -16.91
N GLU B 12 -25.67 5.62 -18.08
CA GLU B 12 -25.15 6.98 -18.10
C GLU B 12 -26.15 7.95 -17.51
N ALA B 13 -27.44 7.75 -17.79
CA ALA B 13 -28.47 8.61 -17.19
C ALA B 13 -28.49 8.43 -15.69
N LEU B 14 -28.29 7.20 -15.21
CA LEU B 14 -28.28 6.94 -13.77
C LEU B 14 -27.07 7.60 -13.10
N LYS B 15 -25.91 7.54 -13.75
CA LYS B 15 -24.73 8.22 -13.20
C LYS B 15 -24.94 9.73 -13.14
N ASP B 16 -25.53 10.32 -14.19
CA ASP B 16 -25.79 11.76 -14.18
C ASP B 16 -26.79 12.13 -13.08
N ALA B 17 -27.84 11.34 -12.92
CA ALA B 17 -28.83 11.63 -11.88
C ALA B 17 -28.21 11.55 -10.50
N LEU B 18 -27.37 10.54 -10.25
CA LEU B 18 -26.69 10.44 -8.97
C LEU B 18 -25.69 11.58 -8.76
N SER B 19 -25.08 12.07 -9.85
CA SER B 19 -24.19 13.22 -9.75
C SER B 19 -24.96 14.47 -9.32
N ILE B 20 -26.08 14.75 -9.98
CA ILE B 20 -26.91 15.88 -9.60
C ILE B 20 -27.37 15.76 -8.16
N LEU B 21 -27.83 14.58 -7.77
CA LEU B 21 -28.26 14.34 -6.40
C LEU B 21 -27.15 14.66 -5.41
N ASN B 22 -25.91 14.28 -5.73
CA ASN B 22 -24.80 14.58 -4.84
C ASN B 22 -24.49 16.07 -4.80
N ILE B 23 -24.63 16.76 -5.94
CA ILE B 23 -24.45 18.21 -5.96
C ILE B 23 -25.49 18.89 -5.08
N VAL B 24 -26.75 18.43 -5.18
CA VAL B 24 -27.84 19.06 -4.43
C VAL B 24 -27.60 18.93 -2.93
N LYS B 25 -27.14 17.78 -2.47
CA LYS B 25 -26.96 17.56 -1.04
C LYS B 25 -25.69 18.24 -0.53
N THR B 26 -24.60 18.17 -1.28
CA THR B 26 -23.34 18.78 -0.86
C THR B 26 -23.43 20.31 -0.85
N ASN B 27 -23.78 20.91 -1.99
CA ASN B 27 -23.94 22.35 -2.06
C ASN B 27 -25.40 22.73 -2.29
N GLU B 32 -24.01 25.38 -9.48
CA GLU B 32 -25.16 25.54 -10.37
C GLU B 32 -24.76 25.30 -11.81
N GLU B 33 -23.51 25.62 -12.15
CA GLU B 33 -23.05 25.42 -13.52
C GLU B 33 -22.70 23.96 -13.80
N GLN B 34 -22.24 23.23 -12.78
CA GLN B 34 -22.03 21.79 -12.95
C GLN B 34 -23.35 21.05 -13.03
N LEU B 35 -24.35 21.51 -12.28
CA LEU B 35 -25.65 20.86 -12.30
C LEU B 35 -26.33 21.02 -13.66
N GLU B 36 -26.16 22.18 -14.30
CA GLU B 36 -26.73 22.40 -15.62
C GLU B 36 -26.13 21.46 -16.65
N ARG B 37 -24.83 21.18 -16.55
CA ARG B 37 -24.19 20.30 -17.52
C ARG B 37 -24.71 18.86 -17.39
N PHE B 38 -24.88 18.37 -16.16
CA PHE B 38 -25.38 17.02 -15.98
C PHE B 38 -26.84 16.91 -16.40
N ALA B 39 -27.63 17.96 -16.15
CA ALA B 39 -29.04 17.94 -16.55
C ALA B 39 -29.20 17.88 -18.06
N LYS B 40 -28.40 18.66 -18.80
CA LYS B 40 -28.44 18.58 -20.26
C LYS B 40 -28.00 17.21 -20.76
N ARG B 41 -26.93 16.67 -20.16
CA ARG B 41 -26.48 15.34 -20.53
C ARG B 41 -27.56 14.30 -20.24
N PHE B 42 -28.22 14.40 -19.08
CA PHE B 42 -29.30 13.50 -18.72
C PHE B 42 -30.48 13.61 -19.68
N GLU B 43 -30.94 14.84 -19.92
CA GLU B 43 -32.09 15.06 -20.79
C GLU B 43 -31.84 14.51 -22.19
N ARG B 44 -30.63 14.69 -22.71
CA ARG B 44 -30.28 14.17 -24.03
C ARG B 44 -30.37 12.66 -24.07
N ASN B 45 -29.84 11.99 -23.04
CA ASN B 45 -29.88 10.53 -22.98
C ASN B 45 -31.30 10.00 -22.92
N LEU B 46 -32.16 10.67 -22.15
CA LEU B 46 -33.53 10.19 -21.98
C LEU B 46 -34.40 10.46 -23.20
N TRP B 47 -34.08 11.51 -23.96
CA TRP B 47 -34.79 11.70 -25.22
C TRP B 47 -34.53 10.54 -26.16
N GLY B 48 -33.29 10.04 -26.17
CA GLY B 48 -32.98 8.86 -26.95
C GLY B 48 -33.69 7.62 -26.41
N ILE B 49 -33.66 7.45 -25.08
CA ILE B 49 -34.37 6.33 -24.46
C ILE B 49 -35.85 6.38 -24.80
N ALA B 50 -36.45 7.57 -24.78
CA ALA B 50 -37.86 7.71 -25.15
C ALA B 50 -38.09 7.31 -26.60
N ARG B 51 -37.16 7.66 -27.49
CA ARG B 51 -37.31 7.31 -28.89
C ARG B 51 -37.20 5.80 -29.11
N LEU B 52 -36.30 5.14 -28.38
CA LEU B 52 -36.15 3.70 -28.53
C LEU B 52 -37.35 2.95 -27.97
N PHE B 53 -37.98 3.46 -26.91
CA PHE B 53 -39.20 2.85 -26.42
C PHE B 53 -40.35 3.07 -27.40
N GLU B 54 -40.41 4.24 -28.02
CA GLU B 54 -41.43 4.50 -29.03
C GLU B 54 -41.26 3.59 -30.25
N SER B 55 -40.01 3.38 -30.67
CA SER B 55 -39.76 2.49 -31.80
C SER B 55 -40.07 1.04 -31.46
N GLY B 56 -39.87 0.64 -30.21
CA GLY B 56 -40.17 -0.69 -29.72
C GLY B 56 -41.60 -0.93 -29.32
N ASP B 57 -42.52 -0.01 -29.67
CA ASP B 57 -43.94 -0.14 -29.34
C ASP B 57 -44.18 -0.21 -27.85
N GLN B 58 -43.30 0.43 -27.07
CA GLN B 58 -43.46 0.53 -25.63
C GLN B 58 -43.83 1.97 -25.29
N LYS B 59 -45.09 2.32 -25.56
CA LYS B 59 -45.55 3.67 -25.26
C LYS B 59 -45.65 3.90 -23.76
N ASP B 60 -45.84 2.83 -22.98
CA ASP B 60 -45.92 2.96 -21.53
C ASP B 60 -44.61 3.45 -20.96
N GLU B 61 -43.50 2.81 -21.36
CA GLU B 61 -42.18 3.22 -20.89
C GLU B 61 -41.67 4.47 -21.60
N ALA B 62 -42.27 4.82 -22.76
CA ALA B 62 -41.86 6.02 -23.46
C ALA B 62 -42.38 7.28 -22.75
N GLU B 63 -43.64 7.27 -22.34
CA GLU B 63 -44.16 8.40 -21.59
C GLU B 63 -43.49 8.51 -20.22
N LYS B 64 -43.09 7.37 -19.64
CA LYS B 64 -42.29 7.39 -18.42
C LYS B 64 -40.97 8.13 -18.64
N ALA B 65 -40.28 7.81 -19.74
CA ALA B 65 -39.03 8.51 -20.05
C ALA B 65 -39.27 9.99 -20.33
N LYS B 66 -40.39 10.32 -21.00
CA LYS B 66 -40.70 11.72 -21.27
C LYS B 66 -40.97 12.48 -19.98
N ARG B 67 -41.64 11.83 -19.02
CA ARG B 67 -41.98 12.51 -17.76
C ARG B 67 -40.71 12.86 -16.98
N MET B 68 -39.71 11.97 -17.01
CA MET B 68 -38.47 12.21 -16.28
C MET B 68 -37.65 13.36 -16.87
N ILE B 69 -37.89 13.73 -18.12
CA ILE B 69 -37.23 14.92 -18.67
C ILE B 69 -37.82 16.18 -18.05
N GLU B 70 -39.14 16.22 -17.89
CA GLU B 70 -39.78 17.34 -17.21
C GLU B 70 -39.35 17.41 -15.75
N TRP B 71 -39.09 16.27 -15.12
CA TRP B 71 -38.62 16.28 -13.74
C TRP B 71 -37.21 16.84 -13.64
N MET B 72 -36.34 16.46 -14.58
CA MET B 72 -34.97 16.98 -14.58
C MET B 72 -34.97 18.48 -14.88
N LYS B 73 -35.81 18.92 -15.81
CA LYS B 73 -35.93 20.35 -16.08
C LYS B 73 -36.44 21.09 -14.86
N ARG B 74 -37.31 20.46 -14.06
CA ARG B 74 -37.77 21.07 -12.83
C ARG B 74 -36.64 21.22 -11.82
N ILE B 75 -35.72 20.26 -11.79
CA ILE B 75 -34.62 20.30 -10.83
C ILE B 75 -33.76 21.53 -11.05
N LYS B 76 -33.49 21.87 -12.31
CA LYS B 76 -32.78 23.11 -12.61
C LYS B 76 -33.55 24.32 -12.09
N THR B 77 -34.87 24.33 -12.30
CA THR B 77 -35.70 25.48 -11.94
C THR B 77 -35.84 25.62 -10.43
N THR B 78 -36.23 24.55 -9.75
CA THR B 78 -36.68 24.63 -8.36
C THR B 78 -35.57 25.12 -7.43
N ALA B 79 -35.97 25.91 -6.43
CA ALA B 79 -35.05 26.44 -5.44
C ALA B 79 -34.98 25.60 -4.18
N SER B 80 -35.95 24.72 -3.95
CA SER B 80 -35.99 23.89 -2.76
C SER B 80 -35.06 22.69 -2.94
N GLU B 81 -34.09 22.54 -2.06
CA GLU B 81 -33.19 21.39 -2.12
C GLU B 81 -33.94 20.09 -1.87
N ASP B 82 -34.91 20.12 -0.95
CA ASP B 82 -35.69 18.92 -0.66
C ASP B 82 -36.55 18.53 -1.86
N GLU B 83 -37.05 19.52 -2.61
CA GLU B 83 -37.77 19.22 -3.84
C GLU B 83 -36.83 18.68 -4.91
N GLN B 84 -35.59 19.20 -4.95
CA GLN B 84 -34.60 18.68 -5.88
C GLN B 84 -34.27 17.22 -5.57
N GLU B 85 -34.08 16.90 -4.29
CA GLU B 85 -33.81 15.51 -3.89
C GLU B 85 -34.95 14.58 -4.32
N GLU B 86 -36.20 14.99 -4.05
CA GLU B 86 -37.36 14.18 -4.41
C GLU B 86 -37.35 13.78 -5.88
N MET B 87 -37.14 14.75 -6.77
CA MET B 87 -37.20 14.45 -8.20
C MET B 87 -36.03 13.56 -8.62
N ALA B 88 -34.86 13.77 -8.02
CA ALA B 88 -33.71 12.93 -8.35
C ALA B 88 -33.91 11.49 -7.88
N ASN B 89 -34.45 11.31 -6.67
CA ASN B 89 -34.72 9.96 -6.18
C ASN B 89 -35.78 9.26 -7.02
N ALA B 90 -36.79 10.00 -7.47
CA ALA B 90 -37.81 9.41 -8.34
C ALA B 90 -37.19 8.98 -9.66
N ILE B 91 -36.37 9.85 -10.26
CA ILE B 91 -35.70 9.53 -11.51
C ILE B 91 -34.83 8.28 -11.36
N ILE B 92 -34.09 8.19 -10.26
CA ILE B 92 -33.17 7.07 -10.05
C ILE B 92 -33.93 5.75 -9.96
N THR B 93 -34.99 5.72 -9.15
CA THR B 93 -35.73 4.47 -8.96
C THR B 93 -36.40 3.99 -10.24
N ILE B 94 -36.82 4.91 -11.10
CA ILE B 94 -37.44 4.51 -12.37
C ILE B 94 -36.37 3.96 -13.33
N LEU B 95 -35.26 4.69 -13.48
CA LEU B 95 -34.17 4.17 -14.31
C LEU B 95 -33.72 2.82 -13.81
N GLN B 96 -33.90 2.57 -12.51
CA GLN B 96 -33.50 1.30 -11.93
C GLN B 96 -34.38 0.15 -12.40
N SER B 97 -35.67 0.42 -12.66
CA SER B 97 -36.56 -0.64 -13.11
C SER B 97 -36.18 -1.14 -14.49
N TRP B 98 -35.43 -0.37 -15.26
CA TRP B 98 -35.03 -0.72 -16.60
C TRP B 98 -33.69 -1.44 -16.65
N PHE B 99 -33.08 -1.70 -15.49
CA PHE B 99 -31.72 -2.26 -15.34
C PHE B 99 -30.68 -1.16 -15.51
N LYS C 3 -30.59 -7.80 -10.63
CA LYS C 3 -29.91 -7.31 -11.83
C LYS C 3 -28.40 -7.33 -11.63
N LYS C 4 -27.68 -7.79 -12.65
CA LYS C 4 -26.23 -7.78 -12.64
C LYS C 4 -25.69 -6.70 -13.58
N LYS C 5 -26.38 -5.57 -13.63
CA LYS C 5 -25.74 -4.34 -14.08
C LYS C 5 -24.73 -3.86 -13.05
N ILE C 6 -24.86 -4.33 -11.81
CA ILE C 6 -23.85 -4.12 -10.80
C ILE C 6 -22.53 -4.70 -11.25
N GLN C 7 -22.56 -5.73 -12.10
CA GLN C 7 -21.33 -6.26 -12.68
C GLN C 7 -20.73 -5.26 -13.67
N ILE C 8 -21.55 -4.74 -14.59
CA ILE C 8 -21.05 -3.80 -15.58
C ILE C 8 -20.53 -2.53 -14.91
N MET C 9 -21.23 -2.04 -13.87
CA MET C 9 -20.73 -0.85 -13.17
C MET C 9 -19.44 -1.16 -12.43
N ALA C 10 -19.34 -2.35 -11.82
CA ALA C 10 -18.10 -2.73 -11.16
C ALA C 10 -16.96 -2.89 -12.14
N GLU C 11 -17.27 -3.30 -13.39
CA GLU C 11 -16.26 -3.38 -14.43
C GLU C 11 -15.61 -2.02 -14.67
N GLU C 12 -16.44 -0.99 -14.80
CA GLU C 12 -15.95 0.37 -14.99
C GLU C 12 -15.19 0.87 -13.77
N ALA C 13 -15.72 0.59 -12.58
CA ALA C 13 -15.08 1.04 -11.35
C ALA C 13 -13.68 0.44 -11.19
N LEU C 14 -13.52 -0.82 -11.60
CA LEU C 14 -12.21 -1.45 -11.56
C LEU C 14 -11.26 -0.80 -12.56
N LYS C 15 -11.78 -0.42 -13.72
CA LYS C 15 -10.97 0.29 -14.70
C LYS C 15 -10.47 1.62 -14.15
N ASP C 16 -11.35 2.35 -13.45
CA ASP C 16 -10.96 3.60 -12.82
C ASP C 16 -9.95 3.38 -11.71
N ALA C 17 -10.17 2.36 -10.87
CA ALA C 17 -9.22 2.07 -9.79
C ALA C 17 -7.86 1.71 -10.35
N LEU C 18 -7.83 0.91 -11.42
CA LEU C 18 -6.58 0.57 -12.07
C LEU C 18 -5.93 1.78 -12.73
N SER C 19 -6.75 2.73 -13.21
CA SER C 19 -6.20 3.96 -13.77
C SER C 19 -5.50 4.78 -12.70
N ILE C 20 -6.15 4.97 -11.54
CA ILE C 20 -5.52 5.69 -10.44
C ILE C 20 -4.23 5.01 -10.03
N LEU C 21 -4.25 3.70 -9.88
CA LEU C 21 -3.04 2.95 -9.54
C LEU C 21 -1.93 3.23 -10.55
N ASN C 22 -2.28 3.29 -11.83
CA ASN C 22 -1.27 3.58 -12.85
C ASN C 22 -0.78 5.01 -12.75
N ILE C 23 -1.68 5.95 -12.44
CA ILE C 23 -1.26 7.35 -12.27
C ILE C 23 -0.30 7.48 -11.10
N VAL C 24 -0.58 6.79 -9.99
CA VAL C 24 0.23 6.92 -8.79
C VAL C 24 1.67 6.47 -9.06
N LYS C 25 1.82 5.36 -9.79
CA LYS C 25 3.15 4.83 -10.08
C LYS C 25 3.85 5.61 -11.17
N THR C 26 3.12 5.92 -12.25
CA THR C 26 3.76 6.32 -13.50
C THR C 26 4.33 7.73 -13.47
N ASN C 27 3.77 8.62 -12.66
CA ASN C 27 4.35 9.96 -12.57
C ASN C 27 4.05 10.57 -11.21
N SER C 28 4.99 11.40 -10.75
CA SER C 28 4.95 11.99 -9.43
C SER C 28 5.51 13.41 -9.43
N ALA C 31 0.14 13.41 -11.21
CA ALA C 31 -0.89 14.09 -11.99
C ALA C 31 -2.15 14.28 -11.16
N GLU C 32 -2.10 15.24 -10.23
CA GLU C 32 -3.14 15.38 -9.21
C GLU C 32 -4.52 15.65 -9.81
N GLU C 33 -4.58 16.28 -10.97
CA GLU C 33 -5.88 16.61 -11.56
C GLU C 33 -6.52 15.42 -12.26
N GLN C 34 -5.73 14.56 -12.89
CA GLN C 34 -6.31 13.37 -13.51
C GLN C 34 -6.77 12.36 -12.47
N LEU C 35 -6.04 12.24 -11.35
CA LEU C 35 -6.43 11.31 -10.31
C LEU C 35 -7.75 11.73 -9.67
N GLU C 36 -7.98 13.05 -9.57
CA GLU C 36 -9.26 13.56 -9.11
C GLU C 36 -10.38 13.18 -10.07
N ARG C 37 -10.10 13.19 -11.38
CA ARG C 37 -11.12 12.86 -12.36
C ARG C 37 -11.53 11.39 -12.26
N PHE C 38 -10.55 10.49 -12.12
CA PHE C 38 -10.87 9.07 -12.02
C PHE C 38 -11.53 8.72 -10.70
N ALA C 39 -11.17 9.42 -9.62
CA ALA C 39 -11.84 9.16 -8.35
C ALA C 39 -13.32 9.49 -8.45
N LYS C 40 -13.65 10.61 -9.09
CA LYS C 40 -15.05 10.99 -9.28
C LYS C 40 -15.80 9.98 -10.13
N ARG C 41 -15.18 9.51 -11.22
CA ARG C 41 -15.82 8.46 -12.01
C ARG C 41 -16.00 7.20 -11.16
N PHE C 42 -15.00 6.87 -10.35
CA PHE C 42 -15.14 5.75 -9.42
C PHE C 42 -16.25 6.03 -8.41
N GLU C 43 -16.38 7.30 -7.98
CA GLU C 43 -17.47 7.69 -7.08
C GLU C 43 -18.83 7.39 -7.71
N ARG C 44 -19.02 7.81 -8.96
CA ARG C 44 -20.32 7.65 -9.63
C ARG C 44 -20.69 6.18 -9.80
N ASN C 45 -19.73 5.34 -10.22
CA ASN C 45 -20.04 3.93 -10.41
C ASN C 45 -20.45 3.28 -9.09
N LEU C 46 -19.80 3.66 -7.99
CA LEU C 46 -20.11 3.03 -6.71
C LEU C 46 -21.39 3.57 -6.08
N TRP C 47 -21.77 4.82 -6.38
CA TRP C 47 -23.08 5.29 -5.92
C TRP C 47 -24.19 4.46 -6.54
N GLY C 48 -24.08 4.16 -7.83
CA GLY C 48 -25.06 3.34 -8.50
C GLY C 48 -25.07 1.90 -7.97
N ILE C 49 -23.89 1.32 -7.83
CA ILE C 49 -23.79 -0.03 -7.27
C ILE C 49 -24.43 -0.07 -5.88
N ALA C 50 -24.16 0.94 -5.07
CA ALA C 50 -24.77 1.01 -3.73
C ALA C 50 -26.28 1.13 -3.80
N ARG C 51 -26.79 1.94 -4.75
CA ARG C 51 -28.23 2.11 -4.86
C ARG C 51 -28.91 0.83 -5.37
N LEU C 52 -28.25 0.11 -6.28
CA LEU C 52 -28.84 -1.13 -6.77
C LEU C 52 -28.86 -2.20 -5.68
N PHE C 53 -27.85 -2.21 -4.81
CA PHE C 53 -27.86 -3.14 -3.67
C PHE C 53 -28.91 -2.73 -2.63
N GLU C 54 -29.05 -1.43 -2.39
CA GLU C 54 -30.06 -0.98 -1.43
C GLU C 54 -31.47 -1.33 -1.90
N SER C 55 -31.71 -1.20 -3.20
CA SER C 55 -33.00 -1.55 -3.80
C SER C 55 -33.25 -3.06 -3.77
N GLY C 56 -32.21 -3.88 -3.88
CA GLY C 56 -32.33 -5.32 -3.76
C GLY C 56 -32.36 -5.78 -2.33
N ASP C 57 -32.49 -4.84 -1.39
CA ASP C 57 -32.55 -5.13 0.05
C ASP C 57 -31.29 -5.84 0.53
N GLN C 58 -30.16 -5.54 -0.10
CA GLN C 58 -28.86 -6.04 0.32
C GLN C 58 -28.09 -4.89 0.96
N LYS C 59 -28.48 -4.56 2.20
CA LYS C 59 -27.85 -3.43 2.88
C LYS C 59 -26.40 -3.75 3.25
N ASP C 60 -26.07 -5.03 3.45
CA ASP C 60 -24.69 -5.40 3.75
C ASP C 60 -23.79 -5.12 2.55
N GLU C 61 -24.25 -5.48 1.34
CA GLU C 61 -23.51 -5.22 0.12
C GLU C 61 -23.56 -3.76 -0.29
N ALA C 62 -24.47 -2.97 0.29
CA ALA C 62 -24.56 -1.57 -0.06
C ALA C 62 -23.61 -0.70 0.77
N GLU C 63 -23.53 -0.94 2.09
CA GLU C 63 -22.64 -0.14 2.93
C GLU C 63 -21.18 -0.40 2.58
N LYS C 64 -20.87 -1.63 2.13
CA LYS C 64 -19.55 -2.00 1.63
C LYS C 64 -19.18 -1.10 0.46
N ALA C 65 -20.10 -0.92 -0.50
CA ALA C 65 -19.86 -0.02 -1.62
C ALA C 65 -19.71 1.41 -1.12
N LYS C 66 -20.47 1.79 -0.09
CA LYS C 66 -20.30 3.09 0.52
C LYS C 66 -18.94 3.22 1.18
N ARG C 67 -18.47 2.14 1.83
CA ARG C 67 -17.18 2.19 2.51
C ARG C 67 -16.04 2.40 1.52
N MET C 68 -16.14 1.79 0.34
CA MET C 68 -15.10 1.90 -0.67
C MET C 68 -15.03 3.30 -1.26
N ILE C 69 -16.09 4.11 -1.12
CA ILE C 69 -16.01 5.51 -1.52
C ILE C 69 -15.17 6.30 -0.52
N GLU C 70 -15.35 6.02 0.77
CA GLU C 70 -14.50 6.64 1.79
C GLU C 70 -13.04 6.23 1.62
N TRP C 71 -12.80 4.99 1.16
CA TRP C 71 -11.43 4.54 0.91
C TRP C 71 -10.82 5.27 -0.27
N MET C 72 -11.60 5.47 -1.33
CA MET C 72 -11.12 6.21 -2.49
C MET C 72 -10.83 7.67 -2.14
N LYS C 73 -11.70 8.29 -1.33
CA LYS C 73 -11.47 9.66 -0.90
C LYS C 73 -10.19 9.77 -0.09
N ARG C 74 -9.84 8.74 0.67
CA ARG C 74 -8.59 8.73 1.43
C ARG C 74 -7.38 8.73 0.49
N ILE C 75 -7.49 8.06 -0.66
CA ILE C 75 -6.39 8.01 -1.61
C ILE C 75 -6.03 9.41 -2.10
N LYS C 76 -7.05 10.25 -2.35
CA LYS C 76 -6.80 11.64 -2.70
C LYS C 76 -6.06 12.36 -1.58
N THR C 77 -6.44 12.08 -0.33
CA THR C 77 -5.87 12.79 0.81
C THR C 77 -4.40 12.44 1.03
N THR C 78 -4.08 11.14 1.08
CA THR C 78 -2.74 10.72 1.48
C THR C 78 -1.69 11.21 0.51
N ALA C 79 -0.53 11.61 1.05
CA ALA C 79 0.58 12.13 0.26
C ALA C 79 1.64 11.12 -0.11
N SER C 80 1.70 9.97 0.58
CA SER C 80 2.73 8.98 0.31
C SER C 80 2.34 8.14 -0.90
N GLU C 81 3.22 8.12 -1.92
CA GLU C 81 2.95 7.32 -3.10
C GLU C 81 2.84 5.84 -2.78
N ASP C 82 3.70 5.35 -1.87
CA ASP C 82 3.65 3.95 -1.49
C ASP C 82 2.37 3.63 -0.72
N GLU C 83 1.91 4.58 0.09
CA GLU C 83 0.64 4.40 0.79
C GLU C 83 -0.53 4.46 -0.18
N GLN C 84 -0.42 5.31 -1.21
CA GLN C 84 -1.45 5.37 -2.25
C GLN C 84 -1.52 4.05 -3.03
N GLU C 85 -0.37 3.49 -3.38
CA GLU C 85 -0.34 2.22 -4.09
C GLU C 85 -1.04 1.13 -3.28
N GLU C 86 -0.69 1.02 -2.00
CA GLU C 86 -1.27 0.01 -1.13
C GLU C 86 -2.80 0.12 -1.09
N MET C 87 -3.31 1.36 -0.98
CA MET C 87 -4.75 1.54 -0.92
C MET C 87 -5.41 1.21 -2.25
N ALA C 88 -4.76 1.58 -3.36
CA ALA C 88 -5.32 1.27 -4.67
C ALA C 88 -5.35 -0.22 -4.93
N ASN C 89 -4.28 -0.94 -4.55
CA ASN C 89 -4.26 -2.38 -4.69
C ASN C 89 -5.29 -3.02 -3.78
N ALA C 90 -5.48 -2.47 -2.59
CA ALA C 90 -6.50 -2.97 -1.68
C ALA C 90 -7.89 -2.82 -2.29
N ILE C 91 -8.19 -1.62 -2.81
CA ILE C 91 -9.49 -1.40 -3.43
C ILE C 91 -9.70 -2.35 -4.61
N ILE C 92 -8.67 -2.54 -5.44
CA ILE C 92 -8.81 -3.37 -6.63
C ILE C 92 -9.12 -4.82 -6.26
N THR C 93 -8.33 -5.40 -5.35
CA THR C 93 -8.56 -6.79 -4.96
C THR C 93 -9.90 -6.92 -4.24
N ILE C 94 -10.30 -5.88 -3.52
CA ILE C 94 -11.57 -5.87 -2.81
C ILE C 94 -12.72 -5.78 -3.80
N LEU C 95 -12.65 -4.83 -4.75
CA LEU C 95 -13.65 -4.73 -5.81
C LEU C 95 -13.73 -6.01 -6.62
N GLN C 96 -12.59 -6.65 -6.84
CA GLN C 96 -12.51 -7.86 -7.64
C GLN C 96 -13.16 -9.04 -6.94
N SER C 97 -13.19 -9.02 -5.61
CA SER C 97 -13.47 -10.24 -4.85
C SER C 97 -14.91 -10.70 -5.07
N TRP C 98 -15.87 -9.83 -4.81
CA TRP C 98 -17.26 -10.17 -5.00
C TRP C 98 -17.79 -9.75 -6.35
N PHE C 99 -16.94 -9.17 -7.19
CA PHE C 99 -17.33 -8.66 -8.49
C PHE C 99 -18.47 -7.64 -8.37
N PHE C 100 -18.30 -6.68 -7.46
CA PHE C 100 -19.31 -5.65 -7.24
C PHE C 100 -18.71 -4.46 -6.50
N LYS D 4 41.69 16.40 -10.92
CA LYS D 4 40.64 15.70 -11.64
C LYS D 4 39.38 16.56 -11.73
N LYS D 5 38.75 16.56 -12.90
CA LYS D 5 37.50 17.30 -13.07
C LYS D 5 36.34 16.67 -12.32
N ILE D 6 36.46 15.39 -11.95
CA ILE D 6 35.49 14.80 -11.03
C ILE D 6 35.38 15.68 -9.78
N GLN D 7 36.52 16.17 -9.30
CA GLN D 7 36.51 17.11 -8.18
C GLN D 7 35.97 18.47 -8.60
N ILE D 8 36.27 18.90 -9.84
CA ILE D 8 35.74 20.16 -10.32
C ILE D 8 34.23 20.06 -10.56
N MET D 9 33.78 18.93 -11.10
CA MET D 9 32.34 18.73 -11.29
C MET D 9 31.64 18.57 -9.95
N ALA D 10 32.30 17.93 -8.98
CA ALA D 10 31.70 17.78 -7.66
C ALA D 10 31.52 19.13 -6.98
N GLU D 11 32.41 20.09 -7.25
CA GLU D 11 32.23 21.44 -6.72
C GLU D 11 30.93 22.04 -7.23
N GLU D 12 30.69 21.95 -8.54
CA GLU D 12 29.45 22.48 -9.10
C GLU D 12 28.24 21.72 -8.58
N ALA D 13 28.34 20.40 -8.46
CA ALA D 13 27.23 19.62 -7.90
C ALA D 13 26.97 19.99 -6.45
N LEU D 14 28.04 20.25 -5.69
CA LEU D 14 27.90 20.63 -4.29
C LEU D 14 27.23 22.00 -4.17
N LYS D 15 27.58 22.93 -5.06
CA LYS D 15 26.94 24.24 -5.08
C LYS D 15 25.45 24.12 -5.39
N ASP D 16 25.09 23.29 -6.36
CA ASP D 16 23.68 23.07 -6.66
C ASP D 16 22.96 22.39 -5.50
N ALA D 17 23.60 21.38 -4.90
CA ALA D 17 22.98 20.68 -3.78
C ALA D 17 22.76 21.63 -2.59
N LEU D 18 23.75 22.48 -2.30
CA LEU D 18 23.58 23.45 -1.22
C LEU D 18 22.50 24.48 -1.55
N SER D 19 22.33 24.80 -2.83
CA SER D 19 21.25 25.70 -3.23
C SER D 19 19.90 25.08 -2.94
N ILE D 20 19.70 23.82 -3.35
CA ILE D 20 18.45 23.12 -3.06
C ILE D 20 18.20 23.07 -1.55
N LEU D 21 19.23 22.72 -0.78
CA LEU D 21 19.11 22.67 0.67
C LEU D 21 18.64 24.02 1.23
N ASN D 22 19.18 25.12 0.68
CA ASN D 22 18.77 26.45 1.14
C ASN D 22 17.33 26.76 0.75
N ILE D 23 16.90 26.34 -0.45
CA ILE D 23 15.52 26.53 -0.85
C ILE D 23 14.58 25.74 0.06
N VAL D 24 14.95 24.50 0.38
CA VAL D 24 14.09 23.66 1.19
C VAL D 24 13.91 24.26 2.59
N LYS D 25 14.98 24.79 3.17
CA LYS D 25 14.91 25.34 4.52
C LYS D 25 14.26 26.72 4.55
N THR D 26 14.77 27.65 3.76
CA THR D 26 14.35 29.05 3.87
C THR D 26 12.87 29.22 3.59
N ASN D 27 12.35 28.51 2.60
CA ASN D 27 10.93 28.58 2.24
C ASN D 27 10.21 27.37 2.82
N SER D 28 9.22 27.63 3.67
CA SER D 28 8.42 26.50 4.20
C SER D 28 7.72 25.75 3.10
N PRO D 29 7.00 26.36 2.17
CA PRO D 29 6.67 25.70 0.92
C PRO D 29 7.67 26.06 -0.14
N PRO D 30 8.67 25.22 -0.39
CA PRO D 30 9.73 25.59 -1.32
C PRO D 30 9.14 25.76 -2.72
N ALA D 31 9.51 26.85 -3.38
CA ALA D 31 8.99 27.10 -4.73
C ALA D 31 9.60 26.09 -5.68
N GLU D 32 8.75 25.29 -6.31
CA GLU D 32 9.20 24.12 -7.05
C GLU D 32 10.01 24.49 -8.29
N GLU D 33 9.72 25.64 -8.90
CA GLU D 33 10.50 26.07 -10.06
C GLU D 33 11.91 26.48 -9.66
N GLN D 34 12.09 26.92 -8.40
CA GLN D 34 13.44 27.18 -7.91
C GLN D 34 14.20 25.88 -7.69
N LEU D 35 13.50 24.81 -7.34
CA LEU D 35 14.13 23.53 -7.05
C LEU D 35 14.42 22.74 -8.34
N GLU D 36 13.52 22.81 -9.33
CA GLU D 36 13.70 22.02 -10.55
C GLU D 36 14.93 22.46 -11.33
N ARG D 37 15.22 23.76 -11.36
CA ARG D 37 16.35 24.25 -12.14
C ARG D 37 17.67 23.72 -11.58
N PHE D 38 17.82 23.73 -10.26
CA PHE D 38 19.05 23.21 -9.66
C PHE D 38 19.14 21.70 -9.77
N ALA D 39 18.00 21.01 -9.71
CA ALA D 39 18.01 19.56 -9.85
C ALA D 39 18.50 19.12 -11.23
N LYS D 40 18.07 19.84 -12.28
CA LYS D 40 18.55 19.53 -13.63
C LYS D 40 20.05 19.78 -13.75
N ARG D 41 20.52 20.91 -13.20
CA ARG D 41 21.95 21.19 -13.21
C ARG D 41 22.71 20.13 -12.42
N PHE D 42 22.17 19.73 -11.27
CA PHE D 42 22.79 18.69 -10.46
C PHE D 42 22.86 17.38 -11.24
N GLU D 43 21.76 16.99 -11.91
CA GLU D 43 21.76 15.76 -12.69
C GLU D 43 22.86 15.75 -13.74
N ARG D 44 23.06 16.88 -14.44
CA ARG D 44 24.10 16.94 -15.46
C ARG D 44 25.49 16.73 -14.86
N ASN D 45 25.76 17.37 -13.72
CA ASN D 45 27.07 17.22 -13.08
C ASN D 45 27.32 15.77 -12.66
N LEU D 46 26.30 15.11 -12.13
CA LEU D 46 26.48 13.73 -11.67
C LEU D 46 26.45 12.73 -12.80
N TRP D 47 25.75 13.01 -13.90
CA TRP D 47 25.85 12.15 -15.07
C TRP D 47 27.27 12.13 -15.61
N GLY D 48 27.92 13.29 -15.65
CA GLY D 48 29.31 13.35 -16.07
C GLY D 48 30.24 12.66 -15.09
N ILE D 49 30.07 12.96 -13.80
CA ILE D 49 30.89 12.30 -12.78
C ILE D 49 30.74 10.79 -12.86
N ALA D 50 29.50 10.30 -13.05
CA ALA D 50 29.29 8.87 -13.19
C ALA D 50 29.99 8.32 -14.42
N ARG D 51 29.96 9.07 -15.53
CA ARG D 51 30.63 8.60 -16.75
C ARG D 51 32.14 8.58 -16.59
N LEU D 52 32.70 9.57 -15.88
CA LEU D 52 34.14 9.61 -15.66
C LEU D 52 34.60 8.49 -14.73
N PHE D 53 33.78 8.14 -13.74
CA PHE D 53 34.11 7.00 -12.87
C PHE D 53 34.02 5.69 -13.62
N GLU D 54 33.04 5.56 -14.52
CA GLU D 54 32.87 4.31 -15.28
C GLU D 54 34.07 4.02 -16.19
N SER D 55 34.54 5.05 -16.91
CA SER D 55 35.70 4.89 -17.79
C SER D 55 36.98 4.67 -17.01
N GLY D 56 37.08 5.27 -15.82
CA GLY D 56 38.23 5.01 -14.99
C GLY D 56 38.15 3.69 -14.28
N ASP D 57 37.18 2.86 -14.67
CA ASP D 57 36.96 1.55 -14.10
C ASP D 57 36.68 1.62 -12.61
N GLN D 58 36.07 2.73 -12.18
CA GLN D 58 35.63 2.87 -10.80
C GLN D 58 34.11 2.72 -10.77
N LYS D 59 33.68 1.46 -10.90
CA LYS D 59 32.25 1.17 -10.98
C LYS D 59 31.54 1.41 -9.66
N ASP D 60 32.23 1.22 -8.52
CA ASP D 60 31.59 1.46 -7.23
C ASP D 60 31.25 2.93 -7.05
N GLU D 61 32.23 3.80 -7.31
CA GLU D 61 31.98 5.24 -7.19
C GLU D 61 31.02 5.73 -8.26
N ALA D 62 30.97 5.04 -9.41
CA ALA D 62 30.04 5.42 -10.47
C ALA D 62 28.62 5.03 -10.08
N GLU D 63 28.44 3.83 -9.52
CA GLU D 63 27.13 3.43 -9.01
C GLU D 63 26.72 4.31 -7.83
N LYS D 64 27.68 4.77 -7.05
CA LYS D 64 27.42 5.74 -6.00
C LYS D 64 26.85 7.02 -6.58
N ALA D 65 27.48 7.53 -7.66
CA ALA D 65 27.00 8.74 -8.32
C ALA D 65 25.63 8.54 -8.95
N LYS D 66 25.37 7.35 -9.49
CA LYS D 66 24.06 7.08 -10.06
C LYS D 66 22.97 7.09 -9.00
N ARG D 67 23.28 6.56 -7.81
CA ARG D 67 22.28 6.51 -6.75
C ARG D 67 21.88 7.90 -6.29
N MET D 68 22.83 8.85 -6.22
CA MET D 68 22.50 10.20 -5.80
C MET D 68 21.62 10.93 -6.80
N ILE D 69 21.59 10.49 -8.06
CA ILE D 69 20.65 11.07 -9.00
C ILE D 69 19.23 10.64 -8.67
N GLU D 70 19.05 9.38 -8.30
CA GLU D 70 17.74 8.90 -7.85
C GLU D 70 17.28 9.62 -6.59
N TRP D 71 18.23 9.98 -5.70
CA TRP D 71 17.86 10.72 -4.51
C TRP D 71 17.42 12.13 -4.87
N MET D 72 18.11 12.77 -5.81
CA MET D 72 17.74 14.12 -6.24
C MET D 72 16.38 14.13 -6.91
N LYS D 73 16.09 13.13 -7.74
CA LYS D 73 14.77 13.01 -8.34
C LYS D 73 13.71 12.78 -7.27
N ARG D 74 14.07 12.05 -6.21
CA ARG D 74 13.16 11.84 -5.09
C ARG D 74 12.91 13.14 -4.33
N ILE D 75 13.91 14.02 -4.24
CA ILE D 75 13.74 15.29 -3.54
C ILE D 75 12.65 16.12 -4.21
N LYS D 76 12.62 16.13 -5.54
CA LYS D 76 11.52 16.78 -6.25
C LYS D 76 10.18 16.16 -5.87
N THR D 77 10.14 14.83 -5.79
CA THR D 77 8.90 14.11 -5.52
C THR D 77 8.42 14.30 -4.09
N THR D 78 9.28 14.07 -3.11
CA THR D 78 8.86 13.97 -1.71
C THR D 78 8.25 15.27 -1.20
N ALA D 79 7.23 15.13 -0.35
CA ALA D 79 6.52 16.27 0.23
C ALA D 79 7.04 16.66 1.62
N SER D 80 7.79 15.79 2.28
CA SER D 80 8.28 16.07 3.63
C SER D 80 9.51 16.96 3.56
N GLU D 81 9.45 18.12 4.23
CA GLU D 81 10.60 19.02 4.27
C GLU D 81 11.78 18.36 4.97
N ASP D 82 11.52 17.62 6.05
CA ASP D 82 12.59 16.97 6.78
C ASP D 82 13.21 15.85 5.95
N GLU D 83 12.41 15.15 5.14
CA GLU D 83 12.96 14.13 4.26
C GLU D 83 13.81 14.76 3.14
N GLN D 84 13.40 15.94 2.66
CA GLN D 84 14.20 16.65 1.66
C GLN D 84 15.55 17.06 2.23
N GLU D 85 15.55 17.62 3.45
CA GLU D 85 16.79 17.99 4.11
C GLU D 85 17.69 16.77 4.29
N GLU D 86 17.11 15.64 4.72
CA GLU D 86 17.88 14.43 4.96
C GLU D 86 18.71 14.04 3.74
N MET D 87 18.08 13.99 2.57
CA MET D 87 18.79 13.57 1.36
C MET D 87 19.74 14.63 0.84
N ALA D 88 19.39 15.91 0.95
CA ALA D 88 20.31 16.95 0.50
C ALA D 88 21.58 16.97 1.34
N ASN D 89 21.44 16.84 2.66
CA ASN D 89 22.63 16.73 3.52
C ASN D 89 23.40 15.46 3.21
N ALA D 90 22.69 14.38 2.90
CA ALA D 90 23.34 13.13 2.52
C ALA D 90 24.18 13.31 1.27
N ILE D 91 23.61 13.94 0.25
CA ILE D 91 24.32 14.21 -0.99
C ILE D 91 25.57 15.05 -0.72
N ILE D 92 25.44 16.06 0.14
CA ILE D 92 26.55 16.99 0.40
C ILE D 92 27.74 16.26 1.02
N THR D 93 27.49 15.47 2.07
CA THR D 93 28.61 14.79 2.72
C THR D 93 29.28 13.79 1.78
N ILE D 94 28.51 13.16 0.90
CA ILE D 94 29.08 12.21 -0.05
C ILE D 94 29.94 12.93 -1.09
N LEU D 95 29.43 14.03 -1.65
CA LEU D 95 30.21 14.79 -2.62
C LEU D 95 31.52 15.27 -2.01
N GLN D 96 31.51 15.63 -0.73
CA GLN D 96 32.73 16.08 -0.07
C GLN D 96 33.79 14.98 -0.05
N SER D 97 33.38 13.71 0.00
CA SER D 97 34.34 12.62 -0.01
C SER D 97 35.07 12.49 -1.34
N TRP D 98 34.57 13.17 -2.39
CA TRP D 98 35.19 13.13 -3.71
C TRP D 98 36.22 14.22 -3.91
N PHE D 99 36.82 14.70 -2.83
CA PHE D 99 37.80 15.78 -2.87
C PHE D 99 39.15 15.36 -2.30
N PHE D 100 39.15 14.65 -1.17
CA PHE D 100 40.36 14.39 -0.40
C PHE D 100 41.45 13.71 -1.22
N LYS E 3 -14.52 -37.69 17.87
CA LYS E 3 -13.33 -38.29 18.47
C LYS E 3 -12.28 -38.58 17.41
N LYS E 4 -12.68 -38.46 16.14
CA LYS E 4 -11.76 -38.62 15.02
C LYS E 4 -11.50 -37.30 14.31
N LYS E 5 -11.93 -36.19 14.90
CA LYS E 5 -11.46 -34.87 14.48
C LYS E 5 -10.11 -34.58 15.13
N ILE E 6 -9.13 -35.39 14.76
CA ILE E 6 -7.76 -35.20 15.20
C ILE E 6 -7.02 -34.67 13.99
N GLN E 7 -7.79 -34.41 12.93
CA GLN E 7 -7.27 -33.74 11.76
C GLN E 7 -6.93 -32.29 12.06
N ILE E 8 -7.59 -31.69 13.05
CA ILE E 8 -7.31 -30.31 13.41
C ILE E 8 -5.92 -30.18 14.01
N MET E 9 -5.51 -31.16 14.83
CA MET E 9 -4.17 -31.13 15.39
C MET E 9 -3.12 -31.40 14.32
N ALA E 10 -3.38 -32.35 13.42
CA ALA E 10 -2.43 -32.64 12.35
C ALA E 10 -2.29 -31.47 11.40
N GLU E 11 -3.37 -30.71 11.21
CA GLU E 11 -3.30 -29.51 10.38
C GLU E 11 -2.32 -28.50 10.97
N GLU E 12 -2.43 -28.22 12.27
CA GLU E 12 -1.46 -27.32 12.91
C GLU E 12 -0.06 -27.92 12.84
N ALA E 13 0.05 -29.23 13.02
CA ALA E 13 1.35 -29.88 12.94
C ALA E 13 1.96 -29.76 11.55
N LEU E 14 1.14 -29.88 10.51
CA LEU E 14 1.66 -29.71 9.15
C LEU E 14 2.04 -28.25 8.91
N LYS E 15 1.27 -27.32 9.46
CA LYS E 15 1.63 -25.92 9.38
C LYS E 15 2.96 -25.65 10.06
N ASP E 16 3.18 -26.27 11.22
CA ASP E 16 4.46 -26.12 11.91
C ASP E 16 5.62 -26.68 11.09
N ALA E 17 5.42 -27.87 10.51
CA ALA E 17 6.49 -28.51 9.73
C ALA E 17 6.85 -27.70 8.49
N LEU E 18 5.85 -27.20 7.76
CA LEU E 18 6.14 -26.40 6.56
C LEU E 18 6.79 -25.08 6.93
N SER E 19 6.46 -24.53 8.10
CA SER E 19 7.14 -23.32 8.56
C SER E 19 8.62 -23.59 8.78
N ILE E 20 8.94 -24.69 9.46
CA ILE E 20 10.33 -25.08 9.68
C ILE E 20 11.05 -25.24 8.35
N LEU E 21 10.41 -25.94 7.40
CA LEU E 21 11.01 -26.16 6.09
C LEU E 21 11.38 -24.85 5.41
N ASN E 22 10.49 -23.86 5.46
CA ASN E 22 10.79 -22.57 4.84
C ASN E 22 11.90 -21.83 5.59
N ILE E 23 11.95 -21.99 6.91
CA ILE E 23 13.08 -21.47 7.67
C ILE E 23 14.37 -22.14 7.22
N VAL E 24 14.31 -23.46 6.99
CA VAL E 24 15.49 -24.26 6.68
C VAL E 24 15.98 -24.13 5.25
N LYS E 25 15.27 -23.38 4.39
CA LYS E 25 15.62 -23.36 2.98
C LYS E 25 16.92 -22.58 2.73
N THR E 26 17.41 -22.68 1.49
CA THR E 26 18.79 -22.33 1.18
C THR E 26 19.06 -20.84 1.39
N ASN E 27 18.31 -19.98 0.70
CA ASN E 27 18.48 -18.54 0.88
C ASN E 27 17.82 -18.03 2.15
N SER E 28 17.26 -18.91 2.98
CA SER E 28 16.66 -18.52 4.24
C SER E 28 17.69 -18.46 5.33
N PRO E 29 18.01 -17.35 5.93
CA PRO E 29 19.16 -17.21 6.83
C PRO E 29 18.94 -17.92 8.14
N PRO E 30 19.92 -17.92 9.05
CA PRO E 30 19.73 -18.57 10.35
C PRO E 30 18.56 -17.95 11.14
N ALA E 31 17.62 -18.80 11.54
CA ALA E 31 16.50 -18.41 12.38
C ALA E 31 16.25 -19.53 13.40
N GLU E 32 17.28 -19.81 14.21
CA GLU E 32 17.21 -20.94 15.13
C GLU E 32 16.19 -20.73 16.24
N GLU E 33 15.97 -19.47 16.64
CA GLU E 33 15.00 -19.21 17.70
C GLU E 33 13.58 -19.44 17.22
N GLN E 34 13.28 -19.09 15.96
CA GLN E 34 11.96 -19.37 15.41
C GLN E 34 11.77 -20.86 15.14
N LEU E 35 12.83 -21.56 14.74
CA LEU E 35 12.70 -22.99 14.46
C LEU E 35 12.39 -23.78 15.73
N GLU E 36 12.96 -23.39 16.85
CA GLU E 36 12.65 -24.06 18.11
C GLU E 36 11.18 -23.86 18.47
N ARG E 37 10.67 -22.66 18.21
CA ARG E 37 9.29 -22.36 18.57
C ARG E 37 8.33 -23.23 17.79
N PHE E 38 8.59 -23.42 16.49
CA PHE E 38 7.72 -24.28 15.69
C PHE E 38 7.95 -25.76 16.04
N ALA E 39 9.19 -26.14 16.34
CA ALA E 39 9.45 -27.51 16.74
C ALA E 39 8.75 -27.87 18.03
N LYS E 40 8.73 -26.94 19.01
CA LYS E 40 7.99 -27.18 20.24
C LYS E 40 6.50 -27.30 19.98
N ARG E 41 5.95 -26.42 19.12
CA ARG E 41 4.54 -26.50 18.77
C ARG E 41 4.22 -27.81 18.05
N PHE E 42 5.09 -28.23 17.12
CA PHE E 42 4.87 -29.48 16.41
C PHE E 42 4.87 -30.67 17.37
N GLU E 43 5.91 -30.77 18.20
CA GLU E 43 6.02 -31.88 19.14
C GLU E 43 4.81 -31.97 20.06
N ARG E 44 4.32 -30.80 20.53
CA ARG E 44 3.16 -30.75 21.41
C ARG E 44 1.91 -31.29 20.70
N ASN E 45 1.67 -30.85 19.47
CA ASN E 45 0.47 -31.30 18.75
C ASN E 45 0.49 -32.81 18.53
N LEU E 46 1.66 -33.36 18.20
CA LEU E 46 1.76 -34.78 17.93
C LEU E 46 1.69 -35.60 19.21
N TRP E 47 2.12 -35.02 20.34
CA TRP E 47 1.92 -35.69 21.61
C TRP E 47 0.43 -35.86 21.89
N GLY E 48 -0.37 -34.83 21.60
CA GLY E 48 -1.81 -34.95 21.76
C GLY E 48 -2.41 -35.97 20.81
N ILE E 49 -1.99 -35.93 19.54
CA ILE E 49 -2.44 -36.92 18.57
C ILE E 49 -2.10 -38.33 19.05
N ALA E 50 -0.90 -38.51 19.61
CA ALA E 50 -0.52 -39.81 20.16
C ALA E 50 -1.42 -40.20 21.32
N ARG E 51 -1.80 -39.23 22.17
CA ARG E 51 -2.67 -39.53 23.30
C ARG E 51 -4.05 -39.95 22.84
N LEU E 52 -4.56 -39.31 21.79
CA LEU E 52 -5.87 -39.66 21.27
C LEU E 52 -5.88 -41.03 20.61
N PHE E 53 -4.77 -41.41 19.97
CA PHE E 53 -4.67 -42.76 19.41
C PHE E 53 -4.57 -43.81 20.51
N GLU E 54 -3.85 -43.49 21.60
CA GLU E 54 -3.75 -44.43 22.72
C GLU E 54 -5.10 -44.66 23.38
N SER E 55 -5.92 -43.63 23.53
CA SER E 55 -7.23 -43.82 24.16
C SER E 55 -8.16 -44.66 23.31
N GLY E 56 -8.07 -44.55 21.99
CA GLY E 56 -8.83 -45.43 21.13
C GLY E 56 -8.16 -46.77 20.94
N ASP E 57 -7.10 -47.03 21.70
CA ASP E 57 -6.36 -48.30 21.66
C ASP E 57 -5.80 -48.57 20.27
N GLN E 58 -5.33 -47.52 19.62
CA GLN E 58 -4.61 -47.63 18.35
C GLN E 58 -3.13 -47.37 18.63
N LYS E 59 -2.50 -48.33 19.31
CA LYS E 59 -1.11 -48.17 19.69
C LYS E 59 -0.18 -48.20 18.47
N ASP E 60 -0.59 -48.82 17.38
CA ASP E 60 0.22 -48.79 16.17
C ASP E 60 0.37 -47.38 15.64
N GLU E 61 -0.76 -46.66 15.52
CA GLU E 61 -0.74 -45.27 15.08
C GLU E 61 -0.29 -44.32 16.18
N ALA E 62 -0.30 -44.76 17.43
CA ALA E 62 0.23 -43.95 18.53
C ALA E 62 1.75 -43.93 18.47
N GLU E 63 2.36 -45.09 18.23
CA GLU E 63 3.81 -45.16 18.09
C GLU E 63 4.30 -44.41 16.85
N LYS E 64 3.51 -44.39 15.78
CA LYS E 64 3.86 -43.58 14.62
C LYS E 64 3.97 -42.11 14.98
N ALA E 65 2.98 -41.59 15.73
CA ALA E 65 3.04 -40.21 16.16
C ALA E 65 4.20 -39.98 17.12
N LYS E 66 4.50 -40.96 17.97
CA LYS E 66 5.62 -40.82 18.91
C LYS E 66 6.95 -40.76 18.18
N ARG E 67 7.12 -41.57 17.13
CA ARG E 67 8.40 -41.59 16.41
C ARG E 67 8.66 -40.27 15.71
N MET E 68 7.61 -39.62 15.18
CA MET E 68 7.80 -38.34 14.51
C MET E 68 8.21 -37.23 15.49
N ILE E 69 7.98 -37.40 16.79
CA ILE E 69 8.49 -36.43 17.75
C ILE E 69 10.01 -36.55 17.85
N GLU E 70 10.52 -37.79 17.88
CA GLU E 70 11.96 -37.99 17.87
C GLU E 70 12.58 -37.47 16.58
N TRP E 71 11.85 -37.55 15.47
CA TRP E 71 12.36 -37.02 14.20
C TRP E 71 12.44 -35.51 14.24
N MET E 72 11.42 -34.85 14.80
CA MET E 72 11.42 -33.40 14.89
C MET E 72 12.52 -32.90 15.82
N LYS E 73 12.73 -33.59 16.94
CA LYS E 73 13.81 -33.22 17.85
C LYS E 73 15.17 -33.35 17.18
N ARG E 74 15.32 -34.32 16.28
CA ARG E 74 16.57 -34.46 15.54
C ARG E 74 16.81 -33.28 14.60
N ILE E 75 15.73 -32.72 14.04
CA ILE E 75 15.87 -31.55 13.16
C ILE E 75 16.48 -30.38 13.91
N LYS E 76 16.07 -30.18 15.17
CA LYS E 76 16.68 -29.16 16.00
C LYS E 76 18.18 -29.41 16.19
N THR E 77 18.54 -30.67 16.41
CA THR E 77 19.93 -31.03 16.71
C THR E 77 20.85 -30.84 15.50
N THR E 78 20.45 -31.37 14.35
CA THR E 78 21.36 -31.45 13.21
C THR E 78 21.77 -30.06 12.74
N ALA E 79 23.05 -29.94 12.36
CA ALA E 79 23.62 -28.67 11.92
C ALA E 79 23.60 -28.48 10.42
N SER E 80 23.44 -29.56 9.65
CA SER E 80 23.47 -29.46 8.19
C SER E 80 22.12 -28.97 7.71
N GLU E 81 22.14 -27.86 6.99
CA GLU E 81 20.91 -27.30 6.44
C GLU E 81 20.28 -28.26 5.42
N ASP E 82 21.11 -28.91 4.59
CA ASP E 82 20.59 -29.85 3.61
C ASP E 82 20.01 -31.08 4.29
N GLU E 83 20.60 -31.49 5.41
CA GLU E 83 20.06 -32.60 6.19
C GLU E 83 18.73 -32.21 6.84
N GLN E 84 18.61 -30.96 7.26
CA GLN E 84 17.35 -30.47 7.82
C GLN E 84 16.24 -30.48 6.76
N GLU E 85 16.56 -30.03 5.55
CA GLU E 85 15.57 -30.03 4.47
C GLU E 85 15.03 -31.44 4.23
N GLU E 86 15.93 -32.41 4.12
CA GLU E 86 15.54 -33.80 3.90
C GLU E 86 14.60 -34.29 4.98
N MET E 87 14.92 -34.01 6.25
CA MET E 87 14.08 -34.47 7.34
C MET E 87 12.73 -33.75 7.36
N ALA E 88 12.74 -32.44 7.07
CA ALA E 88 11.49 -31.68 7.05
C ALA E 88 10.59 -32.15 5.91
N ASN E 89 11.17 -32.40 4.73
CA ASN E 89 10.37 -32.93 3.63
C ASN E 89 9.85 -34.33 3.95
N ALA E 90 10.66 -35.12 4.68
CA ALA E 90 10.21 -36.45 5.07
C ALA E 90 9.02 -36.38 6.01
N ILE E 91 9.11 -35.56 7.06
CA ILE E 91 8.00 -35.42 8.00
C ILE E 91 6.75 -34.93 7.30
N ILE E 92 6.89 -33.95 6.40
CA ILE E 92 5.72 -33.38 5.71
C ILE E 92 5.04 -34.45 4.86
N THR E 93 5.81 -35.18 4.05
CA THR E 93 5.22 -36.21 3.20
C THR E 93 4.58 -37.32 4.03
N ILE E 94 5.13 -37.59 5.21
CA ILE E 94 4.53 -38.61 6.08
C ILE E 94 3.19 -38.11 6.61
N LEU E 95 3.16 -36.88 7.12
CA LEU E 95 1.93 -36.29 7.63
C LEU E 95 0.83 -36.23 6.58
N GLN E 96 1.19 -35.96 5.33
CA GLN E 96 0.17 -35.77 4.30
C GLN E 96 -0.56 -37.06 3.97
N SER E 97 0.14 -38.20 4.01
CA SER E 97 -0.45 -39.45 3.53
C SER E 97 -1.45 -40.02 4.53
N TRP E 98 -1.13 -40.04 5.82
CA TRP E 98 -2.07 -40.58 6.80
C TRP E 98 -2.94 -39.49 7.43
N PHE E 99 -2.98 -38.29 6.85
CA PHE E 99 -3.97 -37.27 7.18
C PHE E 99 -4.39 -36.56 5.88
N PHE E 100 -4.89 -37.33 4.93
CA PHE E 100 -5.31 -36.80 3.64
C PHE E 100 -6.79 -36.42 3.64
N PRO F 2 39.72 11.59 19.77
CA PRO F 2 38.66 12.42 19.20
C PRO F 2 38.27 11.99 17.79
N LYS F 3 39.24 11.97 16.87
CA LYS F 3 38.97 11.48 15.52
C LYS F 3 39.03 9.97 15.45
N LYS F 4 39.98 9.35 16.17
CA LYS F 4 40.05 7.90 16.20
C LYS F 4 38.91 7.28 16.99
N LYS F 5 38.33 8.04 17.93
CA LYS F 5 37.17 7.55 18.67
C LYS F 5 35.92 7.53 17.80
N ILE F 6 35.76 8.52 16.93
CA ILE F 6 34.59 8.53 16.06
C ILE F 6 34.70 7.44 15.00
N GLN F 7 35.92 7.14 14.54
CA GLN F 7 36.06 6.14 13.49
C GLN F 7 35.75 4.74 13.99
N ILE F 8 36.13 4.43 15.23
CA ILE F 8 35.81 3.13 15.80
C ILE F 8 34.31 3.03 16.07
N MET F 9 33.68 4.15 16.43
CA MET F 9 32.23 4.14 16.67
C MET F 9 31.44 3.92 15.38
N ALA F 10 31.86 4.57 14.28
CA ALA F 10 31.16 4.43 13.01
C ALA F 10 31.25 3.01 12.49
N GLU F 11 32.31 2.30 12.86
CA GLU F 11 32.48 0.92 12.45
C GLU F 11 31.32 0.06 12.96
N GLU F 12 31.00 0.17 14.25
CA GLU F 12 29.87 -0.58 14.79
C GLU F 12 28.56 -0.12 14.15
N ALA F 13 28.42 1.18 13.91
CA ALA F 13 27.23 1.69 13.25
C ALA F 13 27.11 1.14 11.83
N LEU F 14 28.24 0.99 11.14
CA LEU F 14 28.21 0.41 9.80
C LEU F 14 27.84 -1.07 9.85
N LYS F 15 28.32 -1.79 10.85
CA LYS F 15 27.92 -3.18 11.02
C LYS F 15 26.42 -3.30 11.26
N ASP F 16 25.87 -2.41 12.08
CA ASP F 16 24.43 -2.42 12.33
C ASP F 16 23.65 -2.14 11.05
N ALA F 17 24.10 -1.14 10.28
CA ALA F 17 23.42 -0.80 9.03
C ALA F 17 23.48 -1.96 8.04
N LEU F 18 24.64 -2.60 7.92
CA LEU F 18 24.76 -3.75 7.03
C LEU F 18 23.92 -4.91 7.51
N SER F 19 23.77 -5.06 8.84
CA SER F 19 22.88 -6.09 9.36
C SER F 19 21.44 -5.79 8.96
N ILE F 20 21.00 -4.54 9.16
CA ILE F 20 19.65 -4.14 8.77
C ILE F 20 19.42 -4.40 7.29
N LEU F 21 20.38 -4.00 6.45
CA LEU F 21 20.26 -4.23 5.01
C LEU F 21 20.08 -5.71 4.70
N ASN F 22 20.83 -6.58 5.38
CA ASN F 22 20.69 -8.02 5.15
C ASN F 22 19.35 -8.53 5.66
N ILE F 23 18.86 -7.99 6.78
CA ILE F 23 17.54 -8.38 7.29
C ILE F 23 16.46 -8.01 6.29
N VAL F 24 16.56 -6.81 5.70
CA VAL F 24 15.45 -6.27 4.91
C VAL F 24 15.10 -7.16 3.74
N LYS F 25 16.10 -7.72 3.08
CA LYS F 25 15.86 -8.56 1.91
C LYS F 25 15.59 -10.01 2.32
N PRO F 30 12.60 -12.30 6.67
CA PRO F 30 11.29 -12.38 7.33
C PRO F 30 11.21 -11.52 8.61
N ALA F 31 12.34 -11.33 9.26
CA ALA F 31 12.37 -10.85 10.64
C ALA F 31 11.94 -9.39 10.76
N GLU F 32 11.50 -9.02 11.95
CA GLU F 32 11.09 -7.66 12.25
C GLU F 32 11.58 -7.25 13.64
N GLU F 33 11.66 -8.22 14.54
CA GLU F 33 12.12 -7.92 15.89
C GLU F 33 13.64 -7.82 15.95
N GLN F 34 14.35 -8.50 15.04
CA GLN F 34 15.79 -8.32 14.94
C GLN F 34 16.14 -6.96 14.34
N LEU F 35 15.31 -6.49 13.40
CA LEU F 35 15.56 -5.18 12.79
C LEU F 35 15.42 -4.06 13.81
N GLU F 36 14.46 -4.20 14.73
CA GLU F 36 14.29 -3.21 15.79
C GLU F 36 15.51 -3.18 16.70
N ARG F 37 16.12 -4.35 16.96
CA ARG F 37 17.28 -4.40 17.83
C ARG F 37 18.46 -3.63 17.23
N PHE F 38 18.71 -3.79 15.92
CA PHE F 38 19.82 -3.11 15.25
C PHE F 38 19.55 -1.61 15.11
N ALA F 39 18.30 -1.25 14.83
CA ALA F 39 17.97 0.16 14.73
C ALA F 39 18.23 0.86 16.05
N LYS F 40 17.91 0.19 17.15
CA LYS F 40 18.24 0.73 18.47
C LYS F 40 19.74 0.84 18.67
N ARG F 41 20.50 -0.21 18.30
CA ARG F 41 21.95 -0.15 18.42
C ARG F 41 22.55 0.93 17.52
N PHE F 42 22.08 1.01 16.27
CA PHE F 42 22.58 2.00 15.34
C PHE F 42 22.32 3.42 15.86
N GLU F 43 21.07 3.67 16.28
CA GLU F 43 20.73 4.97 16.84
C GLU F 43 21.59 5.28 18.05
N ARG F 44 21.85 4.27 18.87
CA ARG F 44 22.70 4.43 20.05
C ARG F 44 24.12 4.83 19.67
N ASN F 45 24.69 4.14 18.67
CA ASN F 45 26.07 4.45 18.26
C ASN F 45 26.18 5.85 17.69
N LEU F 46 25.18 6.29 16.92
CA LEU F 46 25.27 7.61 16.30
C LEU F 46 25.03 8.72 17.31
N TRP F 47 24.27 8.44 18.37
CA TRP F 47 24.15 9.41 19.46
C TRP F 47 25.51 9.60 20.13
N GLY F 48 26.27 8.51 20.26
CA GLY F 48 27.62 8.63 20.77
C GLY F 48 28.52 9.40 19.82
N ILE F 49 28.42 9.08 18.52
CA ILE F 49 29.17 9.83 17.51
C ILE F 49 28.81 11.31 17.56
N ALA F 50 27.52 11.61 17.72
CA ALA F 50 27.08 13.00 17.79
C ALA F 50 27.71 13.71 18.99
N ARG F 51 27.84 13.02 20.11
CA ARG F 51 28.40 13.66 21.30
C ARG F 51 29.89 13.88 21.15
N LEU F 52 30.60 12.96 20.50
CA LEU F 52 32.02 13.18 20.28
C LEU F 52 32.24 14.37 19.37
N PHE F 53 31.33 14.59 18.42
CA PHE F 53 31.38 15.80 17.60
C PHE F 53 31.05 17.03 18.44
N GLU F 54 30.07 16.91 19.34
CA GLU F 54 29.74 18.00 20.25
C GLU F 54 30.90 18.29 21.20
N SER F 55 31.59 17.23 21.65
CA SER F 55 32.74 17.41 22.54
C SER F 55 33.87 18.17 21.86
N GLY F 56 34.01 18.00 20.54
CA GLY F 56 34.98 18.69 19.72
C GLY F 56 34.55 20.04 19.16
N ASP F 57 33.45 20.63 19.63
CA ASP F 57 32.97 21.90 19.09
C ASP F 57 32.62 21.79 17.61
N GLN F 58 32.16 20.61 17.21
CA GLN F 58 31.68 20.40 15.84
C GLN F 58 30.17 20.19 15.87
N LYS F 59 29.46 21.30 16.13
CA LYS F 59 28.01 21.24 16.25
C LYS F 59 27.35 20.97 14.91
N ASP F 60 27.99 21.36 13.80
CA ASP F 60 27.38 21.12 12.50
C ASP F 60 27.50 19.65 12.11
N GLU F 61 28.64 19.02 12.44
CA GLU F 61 28.78 17.60 12.17
C GLU F 61 28.05 16.75 13.20
N ALA F 62 27.70 17.35 14.34
CA ALA F 62 26.92 16.64 15.36
C ALA F 62 25.45 16.53 14.96
N GLU F 63 24.86 17.62 14.47
CA GLU F 63 23.47 17.56 14.01
C GLU F 63 23.32 16.69 12.77
N LYS F 64 24.36 16.62 11.93
CA LYS F 64 24.35 15.68 10.81
C LYS F 64 24.18 14.25 11.32
N ALA F 65 24.93 13.89 12.37
CA ALA F 65 24.75 12.58 12.99
C ALA F 65 23.35 12.45 13.58
N LYS F 66 22.79 13.54 14.10
CA LYS F 66 21.44 13.50 14.64
C LYS F 66 20.42 13.21 13.55
N ARG F 67 20.62 13.75 12.34
CA ARG F 67 19.67 13.51 11.26
C ARG F 67 19.62 12.05 10.88
N MET F 68 20.78 11.39 10.84
CA MET F 68 20.82 9.99 10.45
C MET F 68 20.13 9.10 11.48
N ILE F 69 19.93 9.59 12.70
CA ILE F 69 19.09 8.86 13.66
C ILE F 69 17.63 8.94 13.21
N GLU F 70 17.20 10.11 12.74
CA GLU F 70 15.86 10.25 12.18
C GLU F 70 15.69 9.37 10.94
N TRP F 71 16.77 9.19 10.17
CA TRP F 71 16.70 8.34 8.99
C TRP F 71 16.53 6.87 9.38
N MET F 72 17.25 6.43 10.41
CA MET F 72 17.12 5.04 10.86
C MET F 72 15.74 4.79 11.43
N LYS F 73 15.18 5.75 12.18
CA LYS F 73 13.82 5.62 12.69
C LYS F 73 12.82 5.53 11.54
N ARG F 74 13.12 6.18 10.43
CA ARG F 74 12.25 6.10 9.26
C ARG F 74 12.23 4.69 8.66
N ILE F 75 13.37 4.00 8.69
CA ILE F 75 13.43 2.64 8.16
C ILE F 75 12.51 1.71 8.93
N LYS F 76 12.47 1.86 10.26
CA LYS F 76 11.51 1.09 11.05
C LYS F 76 10.08 1.38 10.61
N THR F 77 9.78 2.65 10.34
CA THR F 77 8.42 3.05 10.00
C THR F 77 7.97 2.50 8.65
N THR F 78 8.79 2.69 7.61
CA THR F 78 8.35 2.42 6.25
C THR F 78 8.00 0.94 6.07
N ALA F 79 6.94 0.68 5.28
CA ALA F 79 6.46 -0.66 5.04
C ALA F 79 6.97 -1.31 3.75
N SER F 80 7.46 -0.51 2.80
CA SER F 80 7.93 -1.06 1.53
C SER F 80 9.35 -1.62 1.70
N GLU F 81 9.53 -2.90 1.40
CA GLU F 81 10.87 -3.49 1.49
C GLU F 81 11.83 -2.81 0.52
N ASP F 82 11.35 -2.46 -0.67
CA ASP F 82 12.22 -1.77 -1.63
C ASP F 82 12.60 -0.38 -1.14
N GLU F 83 11.67 0.30 -0.46
CA GLU F 83 12.00 1.59 0.16
C GLU F 83 12.99 1.41 1.30
N GLN F 84 12.85 0.32 2.06
CA GLN F 84 13.81 0.03 3.13
C GLN F 84 15.21 -0.21 2.57
N GLU F 85 15.31 -1.00 1.49
CA GLU F 85 16.60 -1.24 0.86
C GLU F 85 17.26 0.07 0.45
N GLU F 86 16.51 0.94 -0.24
CA GLU F 86 17.05 2.22 -0.67
C GLU F 86 17.61 3.01 0.51
N MET F 87 16.87 3.09 1.61
CA MET F 87 17.33 3.87 2.76
C MET F 87 18.53 3.21 3.42
N ALA F 88 18.53 1.88 3.50
CA ALA F 88 19.67 1.18 4.09
C ALA F 88 20.94 1.36 3.25
N ASN F 89 20.80 1.27 1.92
CA ASN F 89 21.95 1.53 1.05
C ASN F 89 22.42 2.97 1.17
N ALA F 90 21.49 3.91 1.35
CA ALA F 90 21.87 5.30 1.52
C ALA F 90 22.69 5.51 2.79
N ILE F 91 22.20 4.99 3.91
CA ILE F 91 22.89 5.15 5.18
C ILE F 91 24.29 4.55 5.13
N ILE F 92 24.43 3.36 4.51
CA ILE F 92 25.72 2.70 4.46
C ILE F 92 26.73 3.52 3.66
N THR F 93 26.33 3.97 2.46
CA THR F 93 27.23 4.76 1.64
C THR F 93 27.57 6.09 2.29
N ILE F 94 26.66 6.65 3.08
CA ILE F 94 26.95 7.89 3.78
C ILE F 94 28.02 7.65 4.85
N LEU F 95 27.84 6.61 5.66
CA LEU F 95 28.83 6.25 6.66
C LEU F 95 30.18 5.97 6.03
N GLN F 96 30.19 5.36 4.85
CA GLN F 96 31.46 5.06 4.18
C GLN F 96 32.12 6.35 3.71
N SER F 97 31.37 7.20 3.00
CA SER F 97 31.95 8.42 2.47
C SER F 97 32.29 9.41 3.57
N TRP F 98 31.56 9.37 4.69
CA TRP F 98 31.78 10.29 5.80
C TRP F 98 33.01 9.92 6.63
N PHE F 99 33.12 8.66 7.02
CA PHE F 99 34.17 8.23 7.93
C PHE F 99 35.22 7.31 7.31
N PHE F 100 34.98 6.78 6.11
CA PHE F 100 35.94 5.84 5.52
C PHE F 100 36.24 6.16 4.06
N LYS G 3 -1.07 -26.79 -3.34
CA LYS G 3 -2.21 -25.97 -2.94
C LYS G 3 -2.81 -26.49 -1.64
N LYS G 4 -2.68 -27.80 -1.41
CA LYS G 4 -3.11 -28.38 -0.14
C LYS G 4 -2.31 -27.80 1.02
N LYS G 5 -1.01 -27.65 0.84
CA LYS G 5 -0.18 -27.01 1.86
C LYS G 5 -0.45 -25.52 1.97
N ILE G 6 -0.74 -24.86 0.85
CA ILE G 6 -0.95 -23.42 0.88
C ILE G 6 -2.32 -23.08 1.45
N GLN G 7 -3.30 -23.97 1.33
CA GLN G 7 -4.59 -23.76 1.96
C GLN G 7 -4.50 -23.89 3.48
N ILE G 8 -3.53 -24.65 3.99
CA ILE G 8 -3.34 -24.77 5.43
C ILE G 8 -2.62 -23.55 5.98
N MET G 9 -1.66 -23.02 5.22
CA MET G 9 -0.97 -21.81 5.63
C MET G 9 -1.90 -20.61 5.66
N ALA G 10 -2.82 -20.53 4.69
CA ALA G 10 -3.75 -19.42 4.63
C ALA G 10 -4.73 -19.42 5.80
N GLU G 11 -5.07 -20.61 6.32
CA GLU G 11 -5.98 -20.68 7.47
C GLU G 11 -5.41 -19.97 8.69
N GLU G 12 -4.15 -20.24 9.03
CA GLU G 12 -3.53 -19.58 10.16
C GLU G 12 -3.38 -18.08 9.90
N ALA G 13 -3.02 -17.71 8.68
CA ALA G 13 -2.91 -16.29 8.34
C ALA G 13 -4.27 -15.60 8.43
N LEU G 14 -5.34 -16.30 8.05
CA LEU G 14 -6.67 -15.73 8.15
C LEU G 14 -7.10 -15.55 9.61
N LYS G 15 -6.73 -16.49 10.48
CA LYS G 15 -7.04 -16.33 11.90
C LYS G 15 -6.35 -15.11 12.48
N ASP G 16 -5.08 -14.90 12.12
CA ASP G 16 -4.33 -13.73 12.58
C ASP G 16 -4.93 -12.45 12.01
N ALA G 17 -5.27 -12.45 10.73
CA ALA G 17 -5.86 -11.27 10.10
C ALA G 17 -7.19 -10.93 10.76
N LEU G 18 -8.03 -11.95 11.02
CA LEU G 18 -9.29 -11.69 11.70
C LEU G 18 -9.09 -11.22 13.13
N SER G 19 -8.03 -11.68 13.79
CA SER G 19 -7.72 -11.19 15.13
C SER G 19 -7.34 -9.72 15.09
N ILE G 20 -6.43 -9.34 14.20
CA ILE G 20 -6.05 -7.94 14.05
C ILE G 20 -7.28 -7.11 13.69
N LEU G 21 -8.06 -7.58 12.71
CA LEU G 21 -9.27 -6.86 12.34
C LEU G 21 -10.16 -6.64 13.56
N ASN G 22 -10.28 -7.64 14.42
CA ASN G 22 -11.11 -7.45 15.61
C ASN G 22 -10.48 -6.47 16.58
N ILE G 23 -9.16 -6.51 16.76
CA ILE G 23 -8.48 -5.54 17.63
C ILE G 23 -8.72 -4.13 17.10
N VAL G 24 -8.69 -3.95 15.77
CA VAL G 24 -8.78 -2.61 15.18
C VAL G 24 -10.12 -1.95 15.51
N LYS G 25 -11.23 -2.65 15.26
CA LYS G 25 -12.53 -2.02 15.47
C LYS G 25 -12.91 -1.95 16.95
N PRO G 30 -11.54 -1.08 19.99
CA PRO G 30 -10.71 -0.78 21.16
C PRO G 30 -9.19 -0.79 20.99
N ALA G 31 -8.50 -1.07 22.10
CA ALA G 31 -7.10 -0.69 22.20
C ALA G 31 -6.28 -1.79 22.85
N GLU G 32 -5.13 -2.12 22.26
CA GLU G 32 -4.29 -3.23 22.71
C GLU G 32 -2.99 -3.24 21.93
N GLU G 33 -1.96 -3.88 22.49
CA GLU G 33 -0.70 -4.03 21.77
C GLU G 33 -0.44 -5.48 21.39
N GLN G 34 -1.48 -6.32 21.44
CA GLN G 34 -1.42 -7.67 20.90
C GLN G 34 -1.39 -7.67 19.38
N LEU G 35 -1.67 -6.52 18.75
CA LEU G 35 -1.67 -6.42 17.30
C LEU G 35 -0.28 -6.67 16.72
N GLU G 36 0.76 -6.24 17.42
CA GLU G 36 2.12 -6.49 16.96
C GLU G 36 2.41 -7.99 16.92
N ARG G 37 1.91 -8.74 17.89
CA ARG G 37 2.15 -10.18 17.92
C ARG G 37 1.48 -10.88 16.73
N PHE G 38 0.24 -10.51 16.41
CA PHE G 38 -0.45 -11.14 15.30
C PHE G 38 0.14 -10.71 13.97
N ALA G 39 0.59 -9.45 13.86
CA ALA G 39 1.21 -8.99 12.63
C ALA G 39 2.50 -9.74 12.35
N LYS G 40 3.30 -9.98 13.40
CA LYS G 40 4.53 -10.76 13.23
C LYS G 40 4.21 -12.19 12.80
N ARG G 41 3.21 -12.81 13.43
CA ARG G 41 2.80 -14.16 13.03
C ARG G 41 2.25 -14.16 11.61
N PHE G 42 1.41 -13.17 11.27
CA PHE G 42 0.84 -13.10 9.92
C PHE G 42 1.94 -12.96 8.86
N GLU G 43 2.86 -12.03 9.08
CA GLU G 43 3.93 -11.80 8.12
C GLU G 43 4.75 -13.07 7.90
N ARG G 44 5.04 -13.80 8.98
CA ARG G 44 5.77 -15.06 8.86
C ARG G 44 4.98 -16.07 8.04
N ASN G 45 3.65 -16.14 8.29
CA ASN G 45 2.81 -17.08 7.55
C ASN G 45 2.82 -16.79 6.06
N LEU G 46 2.77 -15.50 5.69
CA LEU G 46 2.71 -15.14 4.28
C LEU G 46 4.06 -15.23 3.59
N TRP G 47 5.16 -15.04 4.31
CA TRP G 47 6.47 -15.24 3.70
C TRP G 47 6.64 -16.70 3.27
N GLY G 48 6.14 -17.63 4.08
CA GLY G 48 6.16 -19.03 3.68
C GLY G 48 5.26 -19.29 2.49
N ILE G 49 4.04 -18.73 2.53
CA ILE G 49 3.13 -18.86 1.38
C ILE G 49 3.78 -18.34 0.12
N ALA G 50 4.47 -17.20 0.22
CA ALA G 50 5.18 -16.64 -0.94
C ALA G 50 6.27 -17.59 -1.41
N ARG G 51 6.98 -18.23 -0.47
CA ARG G 51 8.03 -19.15 -0.86
C ARG G 51 7.46 -20.39 -1.54
N LEU G 52 6.31 -20.88 -1.08
CA LEU G 52 5.69 -22.03 -1.70
C LEU G 52 5.16 -21.70 -3.09
N PHE G 53 4.65 -20.48 -3.29
CA PHE G 53 4.23 -20.06 -4.62
C PHE G 53 5.42 -19.88 -5.55
N GLU G 54 6.53 -19.35 -5.02
CA GLU G 54 7.73 -19.20 -5.83
C GLU G 54 8.28 -20.57 -6.24
N SER G 55 8.26 -21.54 -5.33
CA SER G 55 8.74 -22.87 -5.67
C SER G 55 7.83 -23.55 -6.70
N GLY G 56 6.54 -23.25 -6.65
CA GLY G 56 5.61 -23.75 -7.65
C GLY G 56 5.56 -22.94 -8.92
N ASP G 57 6.51 -22.00 -9.09
CA ASP G 57 6.62 -21.16 -10.29
C ASP G 57 5.36 -20.34 -10.51
N GLN G 58 4.67 -19.98 -9.44
CA GLN G 58 3.50 -19.12 -9.52
C GLN G 58 3.87 -17.75 -8.99
N LYS G 59 4.64 -17.01 -9.80
CA LYS G 59 5.09 -15.67 -9.41
C LYS G 59 3.91 -14.70 -9.38
N ASP G 60 2.86 -14.99 -10.14
CA ASP G 60 1.68 -14.13 -10.13
C ASP G 60 1.02 -14.14 -8.76
N GLU G 61 0.98 -15.31 -8.11
CA GLU G 61 0.43 -15.43 -6.77
C GLU G 61 1.46 -15.16 -5.69
N ALA G 62 2.75 -15.19 -6.01
CA ALA G 62 3.79 -14.91 -5.01
C ALA G 62 3.87 -13.43 -4.66
N GLU G 63 3.83 -12.56 -5.66
CA GLU G 63 3.84 -11.12 -5.37
C GLU G 63 2.56 -10.69 -4.65
N LYS G 64 1.45 -11.40 -4.92
CA LYS G 64 0.23 -11.16 -4.16
C LYS G 64 0.47 -11.40 -2.68
N ALA G 65 1.16 -12.51 -2.35
CA ALA G 65 1.52 -12.76 -0.95
C ALA G 65 2.52 -11.72 -0.45
N LYS G 66 3.45 -11.29 -1.32
CA LYS G 66 4.41 -10.26 -0.92
C LYS G 66 3.71 -8.93 -0.65
N ARG G 67 2.72 -8.58 -1.46
CA ARG G 67 2.04 -7.30 -1.29
C ARG G 67 1.31 -7.24 0.04
N MET G 68 0.71 -8.36 0.46
CA MET G 68 -0.02 -8.40 1.72
C MET G 68 0.89 -8.28 2.93
N ILE G 69 2.19 -8.58 2.79
CA ILE G 69 3.11 -8.35 3.90
C ILE G 69 3.36 -6.85 4.07
N GLU G 70 3.54 -6.14 2.96
CA GLU G 70 3.62 -4.69 3.03
C GLU G 70 2.32 -4.11 3.55
N TRP G 71 1.19 -4.75 3.26
CA TRP G 71 -0.08 -4.29 3.80
C TRP G 71 -0.16 -4.50 5.30
N MET G 72 0.31 -5.65 5.78
CA MET G 72 0.28 -5.89 7.23
C MET G 72 1.23 -4.95 7.96
N LYS G 73 2.42 -4.69 7.38
CA LYS G 73 3.36 -3.76 7.99
C LYS G 73 2.79 -2.35 8.07
N ARG G 74 1.98 -1.96 7.09
CA ARG G 74 1.34 -0.64 7.14
C ARG G 74 0.33 -0.57 8.28
N ILE G 75 -0.36 -1.68 8.56
CA ILE G 75 -1.37 -1.69 9.62
C ILE G 75 -0.75 -1.36 10.97
N LYS G 76 0.44 -1.90 11.24
CA LYS G 76 1.16 -1.54 12.46
C LYS G 76 1.46 -0.05 12.50
N THR G 77 1.90 0.50 11.37
CA THR G 77 2.33 1.90 11.31
C THR G 77 1.15 2.86 11.46
N THR G 78 0.11 2.68 10.64
CA THR G 78 -0.93 3.68 10.50
C THR G 78 -1.71 3.89 11.81
N ALA G 79 -2.07 5.14 12.06
CA ALA G 79 -2.86 5.52 13.23
C ALA G 79 -4.34 5.58 12.94
N SER G 80 -4.73 5.62 11.67
CA SER G 80 -6.15 5.73 11.30
C SER G 80 -6.79 4.35 11.38
N GLU G 81 -7.83 4.23 12.21
CA GLU G 81 -8.54 2.97 12.34
C GLU G 81 -9.24 2.58 11.05
N ASP G 82 -9.80 3.57 10.33
CA ASP G 82 -10.47 3.27 9.07
C ASP G 82 -9.50 2.79 8.01
N GLU G 83 -8.28 3.31 8.00
CA GLU G 83 -7.26 2.82 7.09
C GLU G 83 -6.82 1.41 7.47
N GLN G 84 -6.78 1.12 8.77
CA GLN G 84 -6.46 -0.23 9.23
C GLN G 84 -7.52 -1.24 8.78
N GLU G 85 -8.80 -0.87 8.94
CA GLU G 85 -9.91 -1.72 8.51
C GLU G 85 -9.83 -2.05 7.02
N GLU G 86 -9.60 -1.02 6.20
CA GLU G 86 -9.56 -1.20 4.74
C GLU G 86 -8.62 -2.31 4.31
N MET G 87 -7.35 -2.22 4.68
CA MET G 87 -6.35 -3.21 4.26
C MET G 87 -6.58 -4.56 4.92
N ALA G 88 -7.03 -4.56 6.18
CA ALA G 88 -7.39 -5.82 6.81
C ALA G 88 -8.43 -6.56 5.98
N ASN G 89 -9.42 -5.81 5.44
CA ASN G 89 -10.41 -6.42 4.57
C ASN G 89 -9.78 -6.91 3.27
N ALA G 90 -8.85 -6.14 2.70
CA ALA G 90 -8.17 -6.58 1.48
C ALA G 90 -7.37 -7.84 1.75
N ILE G 91 -6.63 -7.86 2.85
CA ILE G 91 -5.83 -9.02 3.22
C ILE G 91 -6.72 -10.24 3.38
N ILE G 92 -7.86 -10.08 4.06
CA ILE G 92 -8.74 -11.21 4.34
C ILE G 92 -9.32 -11.80 3.05
N THR G 93 -9.85 -10.95 2.17
CA THR G 93 -10.48 -11.46 0.95
C THR G 93 -9.54 -12.34 0.14
N ILE G 94 -8.25 -12.04 0.16
CA ILE G 94 -7.29 -12.84 -0.61
C ILE G 94 -7.12 -14.21 0.03
N LEU G 95 -6.93 -14.24 1.35
CA LEU G 95 -6.65 -15.49 2.05
C LEU G 95 -7.74 -16.54 1.82
N GLN G 96 -9.00 -16.11 1.76
CA GLN G 96 -10.13 -17.03 1.62
C GLN G 96 -10.65 -17.15 0.20
N SER G 97 -10.93 -16.04 -0.48
CA SER G 97 -11.52 -16.10 -1.81
C SER G 97 -10.58 -16.69 -2.83
N TRP G 98 -9.27 -16.64 -2.59
CA TRP G 98 -8.27 -17.16 -3.51
C TRP G 98 -7.57 -18.39 -2.94
N PHE G 99 -6.79 -18.25 -1.87
CA PHE G 99 -5.89 -19.31 -1.46
C PHE G 99 -6.63 -20.45 -0.76
N PHE G 100 -7.73 -20.17 -0.09
CA PHE G 100 -8.41 -21.15 0.74
C PHE G 100 -9.77 -21.52 0.15
N LYS H 3 -15.94 14.17 37.20
CA LYS H 3 -15.71 13.22 38.27
C LYS H 3 -14.27 13.30 38.79
N LYS H 4 -14.12 13.21 40.12
CA LYS H 4 -12.79 13.12 40.69
C LYS H 4 -12.06 11.86 40.26
N LYS H 5 -12.81 10.83 39.84
CA LYS H 5 -12.19 9.64 39.25
C LYS H 5 -11.44 9.99 37.97
N ILE H 6 -12.13 10.66 37.04
CA ILE H 6 -11.52 11.06 35.78
C ILE H 6 -10.36 12.01 36.01
N GLN H 7 -10.38 12.78 37.10
CA GLN H 7 -9.27 13.69 37.40
C GLN H 7 -8.04 12.90 37.82
N ILE H 8 -8.23 11.75 38.49
CA ILE H 8 -7.10 10.93 38.88
C ILE H 8 -6.42 10.31 37.67
N MET H 9 -7.21 9.88 36.68
CA MET H 9 -6.62 9.32 35.46
C MET H 9 -5.93 10.37 34.61
N ALA H 10 -6.53 11.56 34.49
CA ALA H 10 -5.93 12.61 33.67
C ALA H 10 -4.56 13.00 34.18
N GLU H 11 -4.39 12.92 35.51
CA GLU H 11 -3.11 13.23 36.14
C GLU H 11 -2.03 12.24 35.73
N GLU H 12 -2.33 10.94 35.76
CA GLU H 12 -1.34 9.96 35.32
C GLU H 12 -1.07 10.12 33.83
N ALA H 13 -2.11 10.41 33.05
CA ALA H 13 -1.94 10.64 31.63
C ALA H 13 -1.04 11.83 31.37
N LEU H 14 -1.16 12.89 32.18
CA LEU H 14 -0.27 14.04 32.04
C LEU H 14 1.15 13.69 32.43
N LYS H 15 1.32 12.89 33.49
CA LYS H 15 2.66 12.44 33.89
C LYS H 15 3.30 11.60 32.79
N ASP H 16 2.54 10.67 32.20
CA ASP H 16 3.07 9.86 31.11
C ASP H 16 3.41 10.74 29.91
N ALA H 17 2.55 11.70 29.58
CA ALA H 17 2.83 12.61 28.47
C ALA H 17 4.09 13.43 28.74
N LEU H 18 4.24 13.92 29.97
CA LEU H 18 5.45 14.67 30.32
C LEU H 18 6.69 13.78 30.29
N SER H 19 6.53 12.49 30.59
CA SER H 19 7.65 11.56 30.48
C SER H 19 8.10 11.44 29.04
N ILE H 20 7.15 11.24 28.12
CA ILE H 20 7.48 11.16 26.70
C ILE H 20 8.20 12.41 26.24
N LEU H 21 7.69 13.58 26.62
CA LEU H 21 8.32 14.84 26.24
C LEU H 21 9.77 14.90 26.71
N ASN H 22 10.04 14.43 27.93
CA ASN H 22 11.41 14.44 28.44
C ASN H 22 12.29 13.44 27.71
N ILE H 23 11.73 12.28 27.34
CA ILE H 23 12.51 11.31 26.56
C ILE H 23 12.89 11.91 25.21
N VAL H 24 11.94 12.60 24.56
CA VAL H 24 12.19 13.14 23.23
C VAL H 24 13.29 14.19 23.27
N LYS H 25 13.31 15.01 24.32
CA LYS H 25 14.25 16.12 24.43
C LYS H 25 15.65 15.63 24.81
N THR H 26 16.46 15.30 23.79
CA THR H 26 17.85 14.84 23.92
C THR H 26 18.22 14.24 25.28
N PRO H 30 17.55 9.42 23.63
CA PRO H 30 17.85 8.25 22.80
C PRO H 30 17.32 6.95 23.42
N ALA H 31 16.00 6.81 23.48
CA ALA H 31 15.39 5.64 24.10
C ALA H 31 14.00 5.45 23.50
N GLU H 32 13.84 4.44 22.66
CA GLU H 32 12.55 4.15 22.06
C GLU H 32 11.71 3.18 22.89
N GLU H 33 12.36 2.27 23.62
CA GLU H 33 11.59 1.32 24.42
C GLU H 33 10.92 1.99 25.61
N GLN H 34 11.51 3.08 26.13
CA GLN H 34 10.85 3.83 27.19
C GLN H 34 9.66 4.61 26.67
N LEU H 35 9.76 5.14 25.45
CA LEU H 35 8.67 5.92 24.87
C LEU H 35 7.47 5.05 24.52
N GLU H 36 7.70 3.81 24.08
CA GLU H 36 6.58 2.94 23.72
C GLU H 36 5.71 2.61 24.93
N ARG H 37 6.33 2.38 26.10
CA ARG H 37 5.52 2.04 27.28
C ARG H 37 4.70 3.23 27.76
N PHE H 38 5.30 4.42 27.81
CA PHE H 38 4.54 5.59 28.26
C PHE H 38 3.42 5.95 27.29
N ALA H 39 3.64 5.74 25.99
CA ALA H 39 2.54 5.88 25.05
C ALA H 39 1.46 4.84 25.32
N LYS H 40 1.87 3.61 25.63
CA LYS H 40 0.92 2.57 26.02
C LYS H 40 0.22 2.93 27.31
N ARG H 41 0.98 3.41 28.31
CA ARG H 41 0.35 3.82 29.57
C ARG H 41 -0.60 4.99 29.35
N PHE H 42 -0.18 5.97 28.55
CA PHE H 42 -1.06 7.10 28.22
C PHE H 42 -2.30 6.61 27.47
N GLU H 43 -2.09 5.74 26.47
CA GLU H 43 -3.20 5.21 25.68
C GLU H 43 -4.23 4.51 26.54
N ARG H 44 -3.76 3.70 27.50
CA ARG H 44 -4.66 2.97 28.38
C ARG H 44 -5.47 3.92 29.27
N ASN H 45 -4.80 4.93 29.84
CA ASN H 45 -5.47 5.84 30.76
C ASN H 45 -6.59 6.61 30.05
N LEU H 46 -6.34 7.02 28.80
CA LEU H 46 -7.34 7.79 28.08
C LEU H 46 -8.48 6.90 27.59
N TRP H 47 -8.21 5.61 27.38
CA TRP H 47 -9.31 4.70 27.09
C TRP H 47 -10.28 4.63 28.26
N GLY H 48 -9.75 4.63 29.49
CA GLY H 48 -10.59 4.65 30.66
C GLY H 48 -11.35 5.97 30.81
N ILE H 49 -10.64 7.09 30.61
CA ILE H 49 -11.29 8.40 30.67
C ILE H 49 -12.43 8.47 29.67
N ALA H 50 -12.21 7.97 28.45
CA ALA H 50 -13.27 7.95 27.45
C ALA H 50 -14.43 7.06 27.91
N ARG H 51 -14.12 5.92 28.53
CA ARG H 51 -15.17 5.02 28.99
C ARG H 51 -15.98 5.63 30.11
N LEU H 52 -15.33 6.37 31.01
CA LEU H 52 -16.06 7.02 32.10
C LEU H 52 -16.93 8.15 31.58
N PHE H 53 -16.48 8.87 30.54
CA PHE H 53 -17.31 9.89 29.94
C PHE H 53 -18.49 9.25 29.21
N GLU H 54 -18.26 8.12 28.55
CA GLU H 54 -19.36 7.39 27.92
C GLU H 54 -20.36 6.87 28.95
N SER H 55 -19.86 6.39 30.09
CA SER H 55 -20.74 5.90 31.15
C SER H 55 -21.55 7.04 31.76
N GLY H 56 -21.01 8.25 31.77
CA GLY H 56 -21.73 9.41 32.24
C GLY H 56 -22.67 10.03 31.22
N ASP H 57 -22.92 9.34 30.11
CA ASP H 57 -23.84 9.79 29.06
C ASP H 57 -23.46 11.14 28.46
N GLN H 58 -22.16 11.43 28.41
CA GLN H 58 -21.66 12.64 27.74
C GLN H 58 -20.70 12.22 26.65
N LYS H 59 -21.11 12.38 25.39
CA LYS H 59 -20.23 12.12 24.25
C LYS H 59 -19.47 13.36 23.82
N ASP H 60 -19.57 14.46 24.58
CA ASP H 60 -18.91 15.71 24.24
C ASP H 60 -17.40 15.54 24.26
N GLU H 61 -16.81 15.41 25.44
CA GLU H 61 -15.39 15.18 25.53
C GLU H 61 -15.04 13.70 25.55
N ALA H 62 -16.01 12.82 25.25
CA ALA H 62 -15.70 11.40 25.09
C ALA H 62 -15.03 11.14 23.75
N GLU H 63 -15.55 11.70 22.66
CA GLU H 63 -14.79 11.70 21.43
C GLU H 63 -13.46 12.41 21.63
N LYS H 64 -13.42 13.41 22.50
CA LYS H 64 -12.18 14.13 22.76
C LYS H 64 -11.07 13.20 23.29
N ALA H 65 -11.37 12.37 24.32
CA ALA H 65 -10.32 11.45 24.80
C ALA H 65 -9.93 10.49 23.69
N LYS H 66 -10.88 10.08 22.86
CA LYS H 66 -10.58 9.21 21.74
C LYS H 66 -9.65 9.90 20.74
N ARG H 67 -9.85 11.22 20.53
CA ARG H 67 -9.03 11.93 19.56
C ARG H 67 -7.56 11.96 20.00
N MET H 68 -7.31 12.14 21.29
CA MET H 68 -5.96 12.19 21.81
C MET H 68 -5.24 10.84 21.77
N ILE H 69 -5.98 9.74 21.67
CA ILE H 69 -5.32 8.44 21.54
C ILE H 69 -4.68 8.30 20.15
N GLU H 70 -5.38 8.74 19.11
CA GLU H 70 -4.79 8.76 17.78
C GLU H 70 -3.60 9.71 17.71
N TRP H 71 -3.64 10.79 18.49
CA TRP H 71 -2.52 11.73 18.52
C TRP H 71 -1.30 11.12 19.18
N MET H 72 -1.50 10.38 20.27
CA MET H 72 -0.39 9.71 20.95
C MET H 72 0.20 8.61 20.07
N LYS H 73 -0.65 7.85 19.38
CA LYS H 73 -0.16 6.82 18.47
C LYS H 73 0.67 7.42 17.36
N ARG H 74 0.33 8.63 16.91
CA ARG H 74 1.11 9.32 15.89
C ARG H 74 2.51 9.69 16.41
N ILE H 75 2.62 10.00 17.70
CA ILE H 75 3.92 10.35 18.27
C ILE H 75 4.89 9.18 18.15
N LYS H 76 4.41 7.97 18.38
CA LYS H 76 5.24 6.78 18.16
C LYS H 76 5.70 6.70 16.71
N THR H 77 4.79 6.99 15.77
CA THR H 77 5.08 6.83 14.35
C THR H 77 6.12 7.84 13.87
N THR H 78 5.91 9.13 14.16
CA THR H 78 6.71 10.19 13.56
C THR H 78 8.18 10.05 13.95
N ALA H 79 9.07 10.34 12.98
CA ALA H 79 10.50 10.23 13.16
C ALA H 79 11.19 11.53 13.56
N SER H 80 10.55 12.67 13.34
CA SER H 80 11.17 13.96 13.64
C SER H 80 11.05 14.26 15.12
N GLU H 81 12.19 14.50 15.77
CA GLU H 81 12.16 14.84 17.19
C GLU H 81 11.42 16.15 17.41
N ASP H 82 11.63 17.13 16.53
CA ASP H 82 10.94 18.42 16.69
C ASP H 82 9.44 18.26 16.48
N GLU H 83 9.05 17.38 15.57
CA GLU H 83 7.63 17.09 15.37
C GLU H 83 7.04 16.36 16.58
N GLN H 84 7.83 15.48 17.20
CA GLN H 84 7.39 14.79 18.41
C GLN H 84 7.17 15.77 19.55
N GLU H 85 8.11 16.70 19.74
CA GLU H 85 7.96 17.70 20.80
C GLU H 85 6.69 18.52 20.62
N GLU H 86 6.44 19.01 19.41
CA GLU H 86 5.23 19.78 19.13
C GLU H 86 3.99 19.00 19.53
N MET H 87 3.93 17.71 19.15
CA MET H 87 2.77 16.90 19.47
C MET H 87 2.66 16.64 20.98
N ALA H 88 3.79 16.40 21.64
CA ALA H 88 3.77 16.17 23.08
C ALA H 88 3.34 17.42 23.83
N ASN H 89 3.84 18.59 23.42
CA ASN H 89 3.40 19.84 24.05
C ASN H 89 1.93 20.10 23.78
N ALA H 90 1.46 19.73 22.59
CA ALA H 90 0.05 19.89 22.27
C ALA H 90 -0.84 19.04 23.17
N ILE H 91 -0.49 17.75 23.31
CA ILE H 91 -1.28 16.85 24.17
C ILE H 91 -1.27 17.36 25.60
N ILE H 92 -0.11 17.82 26.10
CA ILE H 92 -0.02 18.26 27.49
C ILE H 92 -0.91 19.47 27.72
N THR H 93 -0.83 20.48 26.85
CA THR H 93 -1.64 21.67 27.03
C THR H 93 -3.13 21.36 26.92
N ILE H 94 -3.50 20.37 26.11
CA ILE H 94 -4.89 19.97 25.99
C ILE H 94 -5.36 19.29 27.28
N LEU H 95 -4.56 18.36 27.79
CA LEU H 95 -4.89 17.71 29.06
C LEU H 95 -5.03 18.73 30.19
N GLN H 96 -4.19 19.78 30.17
CA GLN H 96 -4.24 20.79 31.21
C GLN H 96 -5.51 21.63 31.15
N SER H 97 -6.21 21.61 30.01
CA SER H 97 -7.49 22.30 29.92
C SER H 97 -8.54 21.63 30.79
N TRP H 98 -8.39 20.33 31.06
CA TRP H 98 -9.36 19.64 31.92
C TRP H 98 -8.94 19.69 33.38
N PHE H 99 -7.64 19.62 33.65
CA PHE H 99 -7.14 19.61 35.01
C PHE H 99 -5.94 20.54 35.16
#